data_9OMT
#
_entry.id   9OMT
#
_cell.length_a   124.367
_cell.length_b   124.367
_cell.length_c   128.389
_cell.angle_alpha   90.00
_cell.angle_beta   90.00
_cell.angle_gamma   120.00
#
_symmetry.space_group_name_H-M   'P 31'
#
loop_
_entity.id
_entity.type
_entity.pdbx_description
1 polymer Acetylcholinesterase
2 non-polymer 'DIETHYL PHOSPHONATE'
3 non-polymer GLYCEROL
4 non-polymer 'NITRATE ION'
5 non-polymer (2E)-2-(hydroxyimino)-N-{3-[(3R)-3-(2-{[(2E)-2-(hydroxyimino)acetyl]amino}ethyl)piperidin-1-yl]propyl}acetamide
6 non-polymer 'DIMETHYL SULFOXIDE'
7 water water
#
_entity_poly.entity_id   1
_entity_poly.type   'polypeptide(L)'
_entity_poly.pdbx_seq_one_letter_code
;GPLEGREDAELLVTVRGGRLRGIRLKTPGGPVSAFLGIPFAEPPMGPRRFLPPEPKQPWSGVVDATTFQSVCYQYVDTLY
PGFEGTEMWNPNRELSEDCLYLNVWTPYPRPTSPTPVLVWIYGGGFYSGASSLDVYDGRFLVQAERTVLVSMNYRVGAFG
FLALPGSREAPGNVGLLDQRLALQWVQENVAAFGGDPTSVTLFGESAGAASVGMHLLSPPSRGLFHRAVLQSGAPNGPWA
TVGMGEARRRATQLAHLVGCPPGGTGGNDTELVACLRTRPAQVLVNHEWHVLPQESVFRFSFVPVVDGDFLSDTPEALIN
AGDFHGLQVLVGVVKDEGSYFLVYGAPGFSKDNESLISRAEFLAGVRVGVPQVSDLAAEAVVLHYTDWLHPEDPARLREA
LSDVVGDHNVVCPVAQLAGRLAAQGARVYAYVFEHRASTLSWPLWMGVPHGYEIEFIFGIPLDPSRNYTAEEKIFAQRLM
RYWANFARTGDPNEPRDPKAPQWPPYTAGAQQYVSLDLRPLEVRRGLRAQACAFWNRFLPKLLSATDTLD
;
_entity_poly.pdbx_strand_id   A,B
#
# COMPACT_ATOMS: atom_id res chain seq x y z
N GLU A 7 35.78 27.82 1.16
CA GLU A 7 36.23 26.48 0.81
C GLU A 7 37.09 25.87 1.90
N ASP A 8 36.71 24.67 2.34
CA ASP A 8 37.47 23.91 3.32
C ASP A 8 38.35 22.90 2.59
N ALA A 9 39.64 22.86 2.95
CA ALA A 9 40.55 21.90 2.34
C ALA A 9 40.25 20.47 2.78
N GLU A 10 39.46 20.30 3.84
CA GLU A 10 39.14 18.97 4.36
C GLU A 10 37.94 18.33 3.68
N LEU A 11 37.06 19.11 3.06
CA LEU A 11 35.94 18.58 2.29
C LEU A 11 36.35 18.16 0.89
N LEU A 12 37.65 18.10 0.59
CA LEU A 12 38.14 17.70 -0.71
C LEU A 12 39.03 16.47 -0.52
N VAL A 13 38.68 15.38 -1.19
CA VAL A 13 39.39 14.12 -1.04
C VAL A 13 39.55 13.51 -2.43
N THR A 14 40.71 12.91 -2.67
CA THR A 14 40.97 12.17 -3.89
C THR A 14 41.05 10.69 -3.56
N VAL A 15 40.28 9.88 -4.30
CA VAL A 15 40.29 8.43 -4.18
C VAL A 15 40.80 7.85 -5.50
N ARG A 16 40.92 6.53 -5.59
CA ARG A 16 41.47 5.92 -6.80
C ARG A 16 40.63 6.22 -8.03
N GLY A 17 39.36 6.57 -7.87
CA GLY A 17 38.51 6.81 -9.02
C GLY A 17 38.48 8.26 -9.45
N GLY A 18 38.82 9.16 -8.54
CA GLY A 18 38.70 10.57 -8.86
C GLY A 18 38.65 11.41 -7.60
N ARG A 19 38.08 12.61 -7.75
CA ARG A 19 38.03 13.59 -6.68
C ARG A 19 36.59 13.79 -6.24
N LEU A 20 36.41 14.06 -4.94
CA LEU A 20 35.10 14.21 -4.34
C LEU A 20 35.04 15.49 -3.54
N ARG A 21 33.85 16.05 -3.42
CA ARG A 21 33.59 17.18 -2.54
C ARG A 21 32.55 16.77 -1.52
N GLY A 22 32.92 16.82 -0.24
CA GLY A 22 32.04 16.42 0.84
C GLY A 22 31.25 17.59 1.41
N ILE A 23 30.64 17.33 2.57
CA ILE A 23 29.80 18.30 3.25
C ILE A 23 30.16 18.30 4.72
N ARG A 24 29.90 19.43 5.38
CA ARG A 24 30.21 19.60 6.81
C ARG A 24 28.90 19.50 7.59
N LEU A 25 28.78 18.46 8.41
CA LEU A 25 27.59 18.22 9.22
C LEU A 25 27.82 18.75 10.64
N LYS A 26 26.77 19.32 11.22
CA LYS A 26 26.86 19.89 12.56
C LYS A 26 26.37 18.90 13.61
N THR A 27 27.03 18.92 14.77
CA THR A 27 26.76 18.11 15.95
C THR A 27 26.86 19.02 17.17
N PRO A 28 26.02 18.81 18.20
CA PRO A 28 26.13 19.64 19.41
C PRO A 28 27.51 19.62 20.06
N GLY A 29 28.44 18.84 19.51
CA GLY A 29 29.78 18.77 20.04
C GLY A 29 30.88 18.98 19.03
N GLY A 30 30.55 19.47 17.84
CA GLY A 30 31.55 19.75 16.83
C GLY A 30 31.21 19.23 15.46
N PRO A 31 31.83 19.79 14.44
CA PRO A 31 31.51 19.40 13.06
C PRO A 31 32.11 18.07 12.67
N VAL A 32 31.62 17.54 11.55
CA VAL A 32 32.04 16.26 11.00
C VAL A 32 32.09 16.40 9.48
N SER A 33 33.05 15.72 8.85
CA SER A 33 33.14 15.68 7.40
C SER A 33 32.44 14.43 6.87
N ALA A 34 31.47 14.64 5.98
CA ALA A 34 30.66 13.56 5.43
C ALA A 34 30.79 13.54 3.92
N PHE A 35 30.95 12.35 3.35
CA PHE A 35 31.11 12.17 1.90
C PHE A 35 30.01 11.23 1.43
N LEU A 36 28.83 11.79 1.22
CA LEU A 36 27.62 11.04 0.92
C LEU A 36 27.48 10.85 -0.60
N GLY A 37 27.29 9.61 -1.03
CA GLY A 37 26.98 9.35 -2.42
C GLY A 37 28.16 9.03 -3.31
N ILE A 38 29.18 8.37 -2.78
CA ILE A 38 30.36 8.01 -3.56
C ILE A 38 30.03 6.79 -4.41
N PRO A 39 30.18 6.86 -5.73
CA PRO A 39 29.96 5.65 -6.54
C PRO A 39 31.08 4.66 -6.33
N PHE A 40 30.71 3.40 -6.08
CA PHE A 40 31.70 2.34 -5.97
C PHE A 40 31.52 1.24 -7.01
N ALA A 41 30.45 1.28 -7.80
CA ALA A 41 30.29 0.32 -8.88
C ALA A 41 29.61 0.98 -10.06
N GLU A 42 29.83 0.39 -11.24
CA GLU A 42 29.08 0.78 -12.41
C GLU A 42 27.60 0.50 -12.18
N PRO A 43 26.72 1.44 -12.54
CA PRO A 43 25.28 1.24 -12.32
C PRO A 43 24.80 -0.05 -12.96
N PRO A 44 24.28 -0.99 -12.17
CA PRO A 44 23.85 -2.30 -12.70
C PRO A 44 22.50 -2.21 -13.41
N MET A 45 22.51 -1.56 -14.56
CA MET A 45 21.32 -1.30 -15.35
C MET A 45 21.42 -2.00 -16.69
N GLY A 46 20.29 -2.07 -17.38
CA GLY A 46 20.23 -2.66 -18.70
C GLY A 46 20.64 -4.13 -18.68
N PRO A 47 21.63 -4.49 -19.48
CA PRO A 47 22.08 -5.89 -19.51
C PRO A 47 22.81 -6.32 -18.26
N ARG A 48 23.17 -5.40 -17.38
CA ARG A 48 23.85 -5.70 -16.13
C ARG A 48 22.90 -6.02 -14.99
N ARG A 49 21.59 -6.03 -15.24
CA ARG A 49 20.64 -6.41 -14.22
C ARG A 49 20.84 -7.88 -13.84
N PHE A 50 20.73 -8.16 -12.54
CA PHE A 50 20.93 -9.48 -11.92
C PHE A 50 22.38 -9.96 -12.00
N LEU A 51 23.31 -9.12 -12.41
CA LEU A 51 24.69 -9.53 -12.60
C LEU A 51 25.55 -9.05 -11.43
N PRO A 52 26.69 -9.71 -11.20
CA PRO A 52 27.59 -9.24 -10.14
C PRO A 52 28.09 -7.85 -10.45
N PRO A 53 28.39 -7.05 -9.43
CA PRO A 53 28.79 -5.66 -9.68
C PRO A 53 30.17 -5.58 -10.33
N GLU A 54 30.34 -4.55 -11.16
CA GLU A 54 31.64 -4.22 -11.72
C GLU A 54 32.17 -2.94 -11.07
N PRO A 55 33.49 -2.84 -10.88
CA PRO A 55 34.02 -1.66 -10.17
C PRO A 55 33.77 -0.39 -10.96
N LYS A 56 33.43 0.69 -10.23
CA LYS A 56 33.20 1.98 -10.84
C LYS A 56 34.46 2.47 -11.52
N GLN A 57 34.36 2.74 -12.83
CA GLN A 57 35.51 3.20 -13.60
C GLN A 57 35.85 4.65 -13.22
N PRO A 58 37.14 5.02 -13.29
CA PRO A 58 37.55 6.34 -12.80
C PRO A 58 36.92 7.46 -13.60
N TRP A 59 36.75 8.61 -12.94
CA TRP A 59 36.00 9.73 -13.49
C TRP A 59 36.84 11.00 -13.47
N SER A 60 36.60 11.84 -14.46
CA SER A 60 37.22 13.16 -14.54
C SER A 60 36.35 14.18 -13.82
N GLY A 61 37.01 15.16 -13.22
CA GLY A 61 36.30 16.19 -12.51
C GLY A 61 36.08 15.83 -11.05
N VAL A 62 35.17 16.56 -10.43
CA VAL A 62 34.88 16.44 -9.01
C VAL A 62 33.44 15.96 -8.87
N VAL A 63 33.26 14.67 -8.56
CA VAL A 63 31.94 14.12 -8.28
C VAL A 63 31.39 14.78 -7.02
N ASP A 64 30.14 15.22 -7.07
CA ASP A 64 29.54 15.82 -5.89
C ASP A 64 29.18 14.73 -4.89
N ALA A 65 29.63 14.91 -3.65
CA ALA A 65 29.43 13.93 -2.59
C ALA A 65 28.82 14.58 -1.37
N THR A 66 27.85 15.48 -1.58
CA THR A 66 27.26 16.25 -0.50
C THR A 66 25.85 15.80 -0.16
N THR A 67 25.35 14.74 -0.80
CA THR A 67 23.98 14.30 -0.62
C THR A 67 23.91 12.80 -0.81
N PHE A 68 22.94 12.17 -0.14
CA PHE A 68 22.69 10.75 -0.36
C PHE A 68 22.20 10.52 -1.78
N GLN A 69 22.71 9.47 -2.41
CA GLN A 69 22.23 9.11 -3.74
C GLN A 69 20.95 8.28 -3.66
N SER A 70 20.59 7.59 -4.73
CA SER A 70 19.26 7.00 -4.82
C SER A 70 19.18 5.71 -4.01
N VAL A 71 17.94 5.33 -3.68
CA VAL A 71 17.63 4.09 -2.98
C VAL A 71 17.34 3.01 -4.02
N CYS A 72 17.88 1.81 -3.80
CA CYS A 72 17.66 0.68 -4.68
C CYS A 72 16.18 0.29 -4.71
N TYR A 73 15.72 -0.16 -5.88
CA TYR A 73 14.30 -0.47 -6.07
C TYR A 73 13.82 -1.49 -5.05
N GLN A 74 12.73 -1.17 -4.37
CA GLN A 74 12.30 -1.99 -3.25
C GLN A 74 10.83 -1.73 -2.96
N TYR A 75 10.20 -2.74 -2.35
CA TYR A 75 8.83 -2.58 -1.88
C TYR A 75 8.76 -1.49 -0.82
N VAL A 76 7.68 -0.72 -0.86
CA VAL A 76 7.41 0.34 0.10
C VAL A 76 6.30 -0.12 1.03
N ASP A 77 6.56 -0.11 2.33
CA ASP A 77 5.57 -0.55 3.32
C ASP A 77 4.40 0.43 3.37
N THR A 78 3.19 -0.08 3.17
CA THR A 78 1.97 0.73 3.17
C THR A 78 0.95 0.22 4.18
N LEU A 79 1.36 -0.61 5.13
CA LEU A 79 0.45 -1.17 6.13
C LEU A 79 -0.13 -0.09 7.04
N TYR A 80 0.67 0.91 7.41
CA TYR A 80 0.24 2.01 8.26
C TYR A 80 0.70 3.32 7.63
N PRO A 81 -0.05 3.86 6.67
CA PRO A 81 0.33 5.14 6.08
C PRO A 81 0.38 6.25 7.11
N GLY A 82 1.36 7.15 6.96
CA GLY A 82 1.56 8.23 7.88
C GLY A 82 2.22 7.86 9.19
N PHE A 83 2.26 6.58 9.53
CA PHE A 83 2.79 6.14 10.82
C PHE A 83 4.30 6.20 10.83
N GLU A 84 4.87 6.89 11.83
CA GLU A 84 6.31 7.03 11.93
C GLU A 84 7.01 5.69 12.13
N GLY A 85 6.41 4.80 12.93
CA GLY A 85 7.07 3.56 13.28
C GLY A 85 7.40 2.68 12.09
N THR A 86 6.58 2.72 11.04
CA THR A 86 6.85 1.98 9.82
C THR A 86 7.55 2.81 8.75
N GLU A 87 7.17 4.08 8.59
CA GLU A 87 7.74 4.90 7.52
C GLU A 87 9.17 5.34 7.77
N MET A 88 9.69 5.20 8.99
CA MET A 88 11.10 5.48 9.22
C MET A 88 12.01 4.47 8.51
N TRP A 89 11.46 3.34 8.04
CA TRP A 89 12.26 2.37 7.32
C TRP A 89 12.05 2.43 5.82
N ASN A 90 11.10 3.24 5.36
CA ASN A 90 10.79 3.39 3.95
C ASN A 90 11.83 4.28 3.26
N PRO A 91 11.97 4.15 1.94
CA PRO A 91 12.94 5.00 1.21
C PRO A 91 12.65 6.48 1.42
N ASN A 92 13.71 7.25 1.68
CA ASN A 92 13.62 8.69 1.82
C ASN A 92 14.31 9.43 0.67
N ARG A 93 14.88 8.70 -0.28
CA ARG A 93 15.28 9.22 -1.57
C ARG A 93 14.53 8.46 -2.66
N GLU A 94 14.54 8.99 -3.87
CA GLU A 94 13.80 8.36 -4.94
C GLU A 94 14.43 7.01 -5.31
N LEU A 95 13.63 6.14 -5.90
CA LEU A 95 14.11 4.82 -6.26
C LEU A 95 14.81 4.83 -7.61
N SER A 96 15.79 3.95 -7.77
CA SER A 96 16.52 3.79 -9.02
C SER A 96 17.33 2.51 -8.97
N GLU A 97 17.56 1.90 -10.14
CA GLU A 97 18.55 0.83 -10.19
C GLU A 97 19.96 1.37 -10.07
N ASP A 98 20.17 2.64 -10.43
CA ASP A 98 21.43 3.34 -10.23
C ASP A 98 21.49 3.72 -8.76
N CYS A 99 21.97 2.77 -7.94
CA CYS A 99 21.94 2.95 -6.49
C CYS A 99 23.21 2.52 -5.79
N LEU A 100 24.20 1.95 -6.48
CA LEU A 100 25.39 1.41 -5.84
C LEU A 100 26.32 2.56 -5.45
N TYR A 101 26.00 3.17 -4.32
CA TYR A 101 26.78 4.27 -3.76
C TYR A 101 26.99 4.02 -2.27
N LEU A 102 28.13 4.49 -1.76
CA LEU A 102 28.47 4.36 -0.35
C LEU A 102 28.72 5.74 0.26
N ASN A 103 28.72 5.79 1.59
CA ASN A 103 28.89 7.03 2.33
C ASN A 103 29.99 6.85 3.37
N VAL A 104 30.77 7.92 3.58
CA VAL A 104 31.91 7.89 4.48
C VAL A 104 31.82 9.11 5.38
N TRP A 105 31.75 8.88 6.69
CA TRP A 105 31.88 9.94 7.67
C TRP A 105 33.28 9.89 8.27
N THR A 106 33.79 11.07 8.64
CA THR A 106 35.13 11.16 9.22
C THR A 106 35.16 12.43 10.08
N PRO A 107 35.91 12.42 11.19
CA PRO A 107 35.83 13.54 12.13
C PRO A 107 36.50 14.78 11.58
N TYR A 108 36.26 15.90 12.28
CA TYR A 108 36.95 17.15 12.03
C TYR A 108 37.70 17.57 13.29
N PRO A 109 39.00 17.84 13.20
CA PRO A 109 39.79 17.73 11.96
C PRO A 109 40.04 16.29 11.54
N ARG A 110 40.43 16.11 10.29
CA ARG A 110 40.60 14.77 9.76
C ARG A 110 41.63 14.02 10.60
N PRO A 111 41.41 12.73 10.87
CA PRO A 111 42.39 11.99 11.67
C PRO A 111 43.74 11.92 10.96
N THR A 112 44.79 12.19 11.71
CA THR A 112 46.14 12.19 11.15
C THR A 112 46.74 10.79 11.14
N SER A 113 46.55 10.04 12.21
CA SER A 113 46.97 8.65 12.28
C SER A 113 45.83 7.73 11.85
N PRO A 114 46.15 6.53 11.37
CA PRO A 114 45.08 5.60 10.94
C PRO A 114 44.12 5.29 12.07
N THR A 115 42.82 5.49 11.80
CA THR A 115 41.71 5.36 12.73
C THR A 115 40.84 4.16 12.39
N PRO A 116 40.34 3.43 13.40
CA PRO A 116 39.48 2.28 13.12
C PRO A 116 38.22 2.68 12.36
N VAL A 117 37.72 1.73 11.55
CA VAL A 117 36.61 1.96 10.65
C VAL A 117 35.45 1.05 11.02
N LEU A 118 34.26 1.62 11.12
CA LEU A 118 33.01 0.89 11.30
C LEU A 118 32.25 0.92 9.98
N VAL A 119 31.87 -0.26 9.48
CA VAL A 119 31.12 -0.39 8.23
C VAL A 119 29.72 -0.88 8.57
N TRP A 120 28.72 -0.05 8.27
CA TRP A 120 27.32 -0.37 8.53
C TRP A 120 26.67 -1.05 7.34
N ILE A 121 25.85 -2.07 7.61
CA ILE A 121 25.09 -2.78 6.59
C ILE A 121 23.63 -2.79 7.03
N TYR A 122 22.78 -2.04 6.33
CA TYR A 122 21.38 -1.92 6.74
C TYR A 122 20.66 -3.26 6.57
N GLY A 123 19.59 -3.43 7.35
CA GLY A 123 18.73 -4.58 7.26
C GLY A 123 17.48 -4.30 6.43
N GLY A 124 16.51 -5.20 6.57
CA GLY A 124 15.29 -5.08 5.80
C GLY A 124 14.96 -6.33 5.01
N GLY A 125 15.28 -7.49 5.59
CA GLY A 125 14.83 -8.77 5.05
C GLY A 125 15.32 -9.06 3.65
N PHE A 126 16.38 -8.41 3.21
CA PHE A 126 16.93 -8.52 1.87
C PHE A 126 15.95 -8.07 0.79
N TYR A 127 14.91 -7.32 1.18
CA TYR A 127 13.94 -6.79 0.24
C TYR A 127 13.76 -5.28 0.36
N SER A 128 14.42 -4.63 1.31
CA SER A 128 14.26 -3.20 1.53
C SER A 128 15.44 -2.68 2.33
N GLY A 129 15.46 -1.37 2.54
CA GLY A 129 16.52 -0.74 3.30
C GLY A 129 17.36 0.22 2.48
N ALA A 130 17.99 1.17 3.17
CA ALA A 130 18.80 2.18 2.51
C ALA A 130 19.75 2.78 3.52
N SER A 131 20.95 3.11 3.05
CA SER A 131 21.94 3.75 3.91
C SER A 131 21.58 5.18 4.27
N SER A 132 20.58 5.76 3.61
CA SER A 132 20.23 7.17 3.81
C SER A 132 19.18 7.38 4.88
N LEU A 133 18.75 6.33 5.57
CA LEU A 133 17.69 6.50 6.58
C LEU A 133 18.19 7.36 7.72
N ASP A 134 17.28 8.17 8.27
CA ASP A 134 17.65 9.12 9.30
C ASP A 134 18.26 8.45 10.53
N VAL A 135 17.88 7.20 10.82
CA VAL A 135 18.44 6.51 11.99
C VAL A 135 19.82 5.92 11.76
N TYR A 136 20.34 5.99 10.53
CA TYR A 136 21.69 5.52 10.24
C TYR A 136 22.67 6.69 10.11
N ASP A 137 22.26 7.90 10.49
CA ASP A 137 23.12 9.07 10.45
C ASP A 137 24.32 8.87 11.36
N GLY A 138 25.51 8.76 10.76
CA GLY A 138 26.73 8.51 11.50
C GLY A 138 27.45 9.73 12.03
N ARG A 139 26.84 10.92 11.95
CA ARG A 139 27.54 12.12 12.39
C ARG A 139 27.75 12.14 13.90
N PHE A 140 26.89 11.44 14.65
CA PHE A 140 27.01 11.47 16.10
C PHE A 140 28.00 10.42 16.60
N LEU A 141 28.07 9.27 15.92
CA LEU A 141 29.01 8.24 16.34
C LEU A 141 30.44 8.62 15.97
N VAL A 142 30.62 9.33 14.85
CA VAL A 142 31.95 9.73 14.41
C VAL A 142 32.46 10.91 15.25
N GLN A 143 31.58 11.82 15.65
CA GLN A 143 32.00 12.97 16.43
C GLN A 143 32.40 12.56 17.84
N ALA A 144 31.58 11.74 18.49
CA ALA A 144 31.78 11.42 19.90
C ALA A 144 32.90 10.40 20.12
N GLU A 145 33.22 9.58 19.13
CA GLU A 145 34.23 8.54 19.31
C GLU A 145 35.41 8.65 18.35
N ARG A 146 35.41 9.64 17.47
N ARG A 146 35.41 9.64 17.46
CA ARG A 146 36.49 9.89 16.52
CA ARG A 146 36.53 9.88 16.54
C ARG A 146 36.88 8.61 15.79
C ARG A 146 36.89 8.62 15.77
N THR A 147 35.89 8.02 15.14
CA THR A 147 36.07 6.86 14.29
C THR A 147 35.58 7.20 12.88
N VAL A 148 35.90 6.33 11.93
CA VAL A 148 35.47 6.49 10.55
C VAL A 148 34.34 5.51 10.28
N LEU A 149 33.18 6.02 9.86
CA LEU A 149 32.03 5.18 9.58
C LEU A 149 31.76 5.17 8.08
N VAL A 150 31.59 3.98 7.53
CA VAL A 150 31.23 3.77 6.13
C VAL A 150 29.92 3.00 6.09
N SER A 151 29.05 3.36 5.14
CA SER A 151 27.80 2.63 4.93
C SER A 151 27.52 2.59 3.44
N MET A 152 27.15 1.41 2.93
CA MET A 152 26.89 1.24 1.50
C MET A 152 25.42 0.91 1.25
N ASN A 153 25.05 0.98 -0.03
CA ASN A 153 23.77 0.49 -0.53
C ASN A 153 24.02 -0.79 -1.32
N TYR A 154 23.22 -1.82 -1.06
CA TYR A 154 23.30 -3.05 -1.82
C TYR A 154 21.94 -3.37 -2.39
N ARG A 155 21.93 -4.06 -3.52
CA ARG A 155 20.70 -4.39 -4.21
C ARG A 155 19.86 -5.36 -3.38
N VAL A 156 18.61 -4.99 -3.12
CA VAL A 156 17.69 -5.82 -2.39
C VAL A 156 16.71 -6.46 -3.37
N GLY A 157 15.87 -7.34 -2.85
CA GLY A 157 14.82 -7.92 -3.67
C GLY A 157 15.36 -8.73 -4.82
N ALA A 158 14.52 -8.85 -5.86
CA ALA A 158 14.90 -9.64 -7.03
C ALA A 158 16.17 -9.08 -7.67
N PHE A 159 16.33 -7.77 -7.72
CA PHE A 159 17.50 -7.17 -8.35
C PHE A 159 18.79 -7.56 -7.65
N GLY A 160 18.72 -7.95 -6.37
CA GLY A 160 19.90 -8.35 -5.63
C GLY A 160 20.00 -9.84 -5.38
N PHE A 161 18.87 -10.56 -5.43
CA PHE A 161 18.90 -11.95 -4.99
C PHE A 161 18.05 -12.90 -5.84
N LEU A 162 17.49 -12.45 -6.95
CA LEU A 162 16.91 -13.39 -7.89
C LEU A 162 18.00 -14.33 -8.39
N ALA A 163 17.73 -15.63 -8.35
CA ALA A 163 18.77 -16.61 -8.61
C ALA A 163 18.20 -17.73 -9.48
N LEU A 164 18.78 -17.91 -10.66
CA LEU A 164 18.62 -19.14 -11.41
C LEU A 164 19.91 -19.93 -11.26
N PRO A 165 20.03 -20.76 -10.22
CA PRO A 165 21.34 -21.30 -9.85
C PRO A 165 21.98 -22.09 -10.98
N GLY A 166 23.29 -21.91 -11.11
CA GLY A 166 24.06 -22.55 -12.16
C GLY A 166 24.23 -21.67 -13.39
N SER A 167 23.18 -20.95 -13.77
CA SER A 167 23.30 -20.05 -14.90
C SER A 167 24.21 -18.88 -14.57
N ARG A 168 24.68 -18.21 -15.61
CA ARG A 168 25.55 -17.06 -15.45
C ARG A 168 24.84 -15.73 -15.69
N GLU A 169 23.58 -15.76 -16.16
CA GLU A 169 22.81 -14.54 -16.30
C GLU A 169 22.19 -14.09 -14.99
N ALA A 170 21.89 -15.02 -14.09
CA ALA A 170 21.35 -14.70 -12.77
C ALA A 170 21.95 -15.66 -11.76
N PRO A 171 23.19 -15.41 -11.33
CA PRO A 171 23.84 -16.34 -10.39
C PRO A 171 23.36 -16.23 -8.97
N GLY A 172 22.65 -15.16 -8.61
CA GLY A 172 22.23 -14.95 -7.25
C GLY A 172 23.34 -14.37 -6.39
N ASN A 173 22.93 -13.93 -5.20
CA ASN A 173 23.79 -13.35 -4.17
C ASN A 173 24.51 -12.08 -4.63
N VAL A 174 24.09 -11.49 -5.76
CA VAL A 174 24.77 -10.31 -6.26
C VAL A 174 24.63 -9.14 -5.28
N GLY A 175 23.56 -9.14 -4.47
CA GLY A 175 23.44 -8.13 -3.44
C GLY A 175 24.49 -8.27 -2.36
N LEU A 176 24.95 -9.50 -2.12
CA LEU A 176 26.04 -9.71 -1.19
C LEU A 176 27.38 -9.30 -1.79
N LEU A 177 27.57 -9.55 -3.08
CA LEU A 177 28.78 -9.08 -3.76
C LEU A 177 28.85 -7.56 -3.78
N ASP A 178 27.72 -6.87 -3.85
CA ASP A 178 27.71 -5.41 -3.75
C ASP A 178 28.36 -4.96 -2.44
N GLN A 179 27.99 -5.60 -1.33
CA GLN A 179 28.60 -5.27 -0.05
C GLN A 179 30.08 -5.61 -0.04
N ARG A 180 30.45 -6.73 -0.66
CA ARG A 180 31.86 -7.10 -0.75
C ARG A 180 32.64 -6.04 -1.51
N LEU A 181 32.12 -5.62 -2.66
CA LEU A 181 32.80 -4.59 -3.44
C LEU A 181 33.00 -3.32 -2.64
N ALA A 182 32.00 -2.92 -1.85
CA ALA A 182 32.17 -1.79 -0.95
C ALA A 182 33.24 -2.05 0.10
N LEU A 183 33.43 -3.31 0.51
CA LEU A 183 34.50 -3.62 1.45
C LEU A 183 35.85 -3.56 0.77
N GLN A 184 35.94 -4.07 -0.47
CA GLN A 184 37.14 -3.89 -1.28
C GLN A 184 37.43 -2.42 -1.52
N TRP A 185 36.38 -1.61 -1.75
CA TRP A 185 36.58 -0.18 -1.90
C TRP A 185 37.12 0.44 -0.62
N VAL A 186 36.66 -0.03 0.54
CA VAL A 186 37.15 0.51 1.80
C VAL A 186 38.62 0.17 1.99
N GLN A 187 39.02 -1.02 1.56
CA GLN A 187 40.43 -1.42 1.67
C GLN A 187 41.34 -0.50 0.88
N GLU A 188 40.87 0.02 -0.25
CA GLU A 188 41.71 0.79 -1.16
C GLU A 188 41.61 2.29 -0.98
N ASN A 189 40.59 2.79 -0.27
CA ASN A 189 40.33 4.22 -0.25
C ASN A 189 40.00 4.80 1.12
N VAL A 190 39.77 3.97 2.16
CA VAL A 190 39.44 4.54 3.45
C VAL A 190 40.65 5.27 4.04
N ALA A 191 41.85 4.91 3.60
CA ALA A 191 43.04 5.61 4.10
C ALA A 191 43.01 7.09 3.74
N ALA A 192 42.46 7.44 2.57
CA ALA A 192 42.36 8.82 2.16
C ALA A 192 41.50 9.66 3.08
N PHE A 193 40.63 9.02 3.86
CA PHE A 193 39.77 9.72 4.81
C PHE A 193 40.30 9.68 6.23
N GLY A 194 41.49 9.13 6.44
CA GLY A 194 42.04 8.97 7.78
C GLY A 194 41.68 7.67 8.45
N GLY A 195 41.20 6.68 7.70
CA GLY A 195 40.71 5.43 8.26
C GLY A 195 41.72 4.31 8.07
N ASP A 196 41.84 3.48 9.10
CA ASP A 196 42.79 2.38 9.10
C ASP A 196 42.20 1.15 8.41
N PRO A 197 42.68 0.79 7.22
CA PRO A 197 42.18 -0.42 6.57
C PRO A 197 42.58 -1.72 7.25
N THR A 198 43.33 -1.66 8.36
CA THR A 198 43.70 -2.84 9.12
C THR A 198 42.90 -2.96 10.42
N SER A 199 41.90 -2.11 10.62
CA SER A 199 41.04 -2.16 11.77
C SER A 199 39.59 -1.89 11.33
N VAL A 200 39.05 -2.78 10.50
CA VAL A 200 37.71 -2.66 9.94
C VAL A 200 36.75 -3.53 10.72
N THR A 201 35.68 -2.93 11.24
CA THR A 201 34.66 -3.62 12.04
C THR A 201 33.32 -3.55 11.32
N LEU A 202 32.86 -4.69 10.79
CA LEU A 202 31.53 -4.79 10.20
C LEU A 202 30.45 -4.80 11.28
N PHE A 203 29.39 -4.03 11.08
CA PHE A 203 28.24 -4.17 11.97
C PHE A 203 26.95 -3.90 11.20
N GLY A 204 25.98 -4.79 11.39
CA GLY A 204 24.70 -4.69 10.72
C GLY A 204 23.59 -5.14 11.63
N GLU A 205 22.36 -4.88 11.19
CA GLU A 205 21.18 -5.25 11.95
C GLU A 205 20.22 -6.03 11.08
N SER A 206 19.50 -6.96 11.70
CA SER A 206 18.57 -7.89 11.05
C SER A 206 19.22 -8.55 9.83
N ALA A 207 18.68 -8.35 8.62
CA ALA A 207 19.33 -8.88 7.41
C ALA A 207 20.74 -8.34 7.25
N GLY A 208 21.03 -7.17 7.81
CA GLY A 208 22.40 -6.70 7.79
C GLY A 208 23.29 -7.55 8.67
N ALA A 209 22.81 -7.92 9.84
CA ALA A 209 23.56 -8.85 10.69
C ALA A 209 23.70 -10.21 10.03
N ALA A 210 22.66 -10.69 9.35
CA ALA A 210 22.79 -11.94 8.60
C ALA A 210 23.83 -11.80 7.49
N SER A 211 23.91 -10.61 6.88
CA SER A 211 24.91 -10.39 5.85
C SER A 211 26.32 -10.43 6.44
N VAL A 212 26.52 -9.76 7.58
CA VAL A 212 27.81 -9.80 8.27
C VAL A 212 28.24 -11.24 8.53
N GLY A 213 27.30 -12.08 8.97
CA GLY A 213 27.63 -13.48 9.21
C GLY A 213 27.97 -14.24 7.94
N MET A 214 27.28 -13.92 6.84
CA MET A 214 27.62 -14.57 5.58
C MET A 214 28.98 -14.12 5.06
N HIS A 215 29.46 -12.95 5.48
CA HIS A 215 30.81 -12.52 5.13
C HIS A 215 31.87 -13.17 6.01
N LEU A 216 31.51 -13.57 7.24
CA LEU A 216 32.42 -14.36 8.05
C LEU A 216 32.65 -15.75 7.46
N LEU A 217 31.64 -16.30 6.78
CA LEU A 217 31.71 -17.66 6.26
C LEU A 217 32.10 -17.71 4.78
N SER A 218 32.36 -16.57 4.16
CA SER A 218 32.82 -16.54 2.78
C SER A 218 34.29 -16.14 2.75
N PRO A 219 35.19 -17.02 2.30
CA PRO A 219 36.63 -16.73 2.35
C PRO A 219 37.00 -15.44 1.65
N PRO A 220 36.51 -15.17 0.42
CA PRO A 220 36.92 -13.91 -0.25
C PRO A 220 36.52 -12.65 0.49
N SER A 221 35.56 -12.72 1.42
CA SER A 221 35.17 -11.56 2.19
C SER A 221 35.89 -11.48 3.53
N ARG A 222 36.45 -12.59 4.01
CA ARG A 222 37.07 -12.61 5.33
C ARG A 222 38.28 -11.70 5.40
N GLY A 223 39.02 -11.59 4.29
CA GLY A 223 40.20 -10.74 4.27
C GLY A 223 39.94 -9.27 4.27
N LEU A 224 38.68 -8.84 4.21
CA LEU A 224 38.35 -7.42 4.06
C LEU A 224 37.90 -6.77 5.36
N PHE A 225 37.80 -7.54 6.45
CA PHE A 225 37.43 -7.00 7.74
C PHE A 225 38.04 -7.88 8.82
N HIS A 226 37.98 -7.39 10.07
CA HIS A 226 38.64 -8.05 11.19
C HIS A 226 37.76 -8.28 12.40
N ARG A 227 36.64 -7.58 12.53
CA ARG A 227 35.71 -7.80 13.63
C ARG A 227 34.30 -7.76 13.08
N ALA A 228 33.35 -8.27 13.86
CA ALA A 228 31.97 -8.40 13.42
C ALA A 228 31.04 -8.05 14.57
N VAL A 229 29.95 -7.38 14.24
CA VAL A 229 28.87 -7.09 15.19
C VAL A 229 27.56 -7.45 14.51
N LEU A 230 26.84 -8.41 15.09
CA LEU A 230 25.60 -8.91 14.52
C LEU A 230 24.45 -8.55 15.47
N GLN A 231 23.63 -7.57 15.07
CA GLN A 231 22.55 -7.08 15.92
C GLN A 231 21.23 -7.67 15.41
N SER A 232 20.61 -8.51 16.24
CA SER A 232 19.29 -9.08 15.97
C SER A 232 19.24 -9.79 14.62
N GLY A 233 20.24 -10.60 14.33
CA GLY A 233 20.24 -11.36 13.09
C GLY A 233 21.44 -12.27 13.03
N ALA A 234 21.32 -13.29 12.18
CA ALA A 234 22.39 -14.24 12.01
C ALA A 234 22.20 -14.94 10.68
N PRO A 235 23.27 -15.46 10.06
CA PRO A 235 23.10 -16.11 8.75
C PRO A 235 22.34 -17.41 8.84
N ASN A 236 22.38 -18.10 9.97
CA ASN A 236 21.76 -19.41 10.08
C ASN A 236 20.25 -19.34 10.38
N GLY A 237 19.66 -18.16 10.40
CA GLY A 237 18.23 -18.02 10.58
C GLY A 237 17.41 -18.74 9.51
N PRO A 238 16.18 -19.13 9.85
CA PRO A 238 15.33 -19.83 8.88
C PRO A 238 14.81 -18.93 7.77
N TRP A 239 15.06 -17.62 7.84
CA TRP A 239 14.58 -16.68 6.84
C TRP A 239 15.68 -16.14 5.93
N ALA A 240 16.94 -16.40 6.22
CA ALA A 240 18.05 -15.71 5.56
C ALA A 240 18.64 -16.46 4.38
N THR A 241 18.30 -17.72 4.17
CA THR A 241 18.85 -18.49 3.06
C THR A 241 17.75 -19.30 2.41
N VAL A 242 18.04 -19.79 1.21
CA VAL A 242 17.09 -20.56 0.43
C VAL A 242 17.86 -21.56 -0.42
N GLY A 243 17.25 -22.72 -0.65
CA GLY A 243 17.86 -23.73 -1.48
C GLY A 243 17.84 -23.36 -2.96
N MET A 244 18.63 -24.09 -3.74
CA MET A 244 18.74 -23.77 -5.16
C MET A 244 17.43 -24.05 -5.89
N GLY A 245 16.82 -25.20 -5.64
CA GLY A 245 15.56 -25.52 -6.28
C GLY A 245 14.46 -24.53 -5.92
N GLU A 246 14.42 -24.09 -4.67
CA GLU A 246 13.38 -23.17 -4.25
C GLU A 246 13.62 -21.78 -4.84
N ALA A 247 14.87 -21.32 -4.84
CA ALA A 247 15.21 -20.05 -5.49
C ALA A 247 14.88 -20.10 -6.98
N ARG A 248 15.02 -21.26 -7.60
CA ARG A 248 14.64 -21.40 -9.00
C ARG A 248 13.13 -21.31 -9.16
N ARG A 249 12.38 -21.95 -8.25
CA ARG A 249 10.92 -21.92 -8.35
C ARG A 249 10.40 -20.51 -8.17
N ARG A 250 10.96 -19.76 -7.22
CA ARG A 250 10.52 -18.39 -6.97
C ARG A 250 10.89 -17.47 -8.13
N ALA A 251 12.07 -17.68 -8.72
CA ALA A 251 12.48 -16.87 -9.86
C ALA A 251 11.61 -17.12 -11.08
N THR A 252 11.32 -18.39 -11.36
CA THR A 252 10.45 -18.72 -12.48
C THR A 252 9.03 -18.21 -12.25
N GLN A 253 8.57 -18.23 -11.00
CA GLN A 253 7.27 -17.67 -10.67
C GLN A 253 7.22 -16.17 -10.96
N LEU A 254 8.25 -15.43 -10.55
CA LEU A 254 8.27 -13.99 -10.81
C LEU A 254 8.24 -13.70 -12.30
N ALA A 255 8.99 -14.48 -13.08
CA ALA A 255 8.96 -14.29 -14.53
C ALA A 255 7.57 -14.54 -15.10
N HIS A 256 6.90 -15.58 -14.62
CA HIS A 256 5.54 -15.86 -15.11
C HIS A 256 4.59 -14.73 -14.76
N LEU A 257 4.70 -14.18 -13.56
CA LEU A 257 3.77 -13.14 -13.14
C LEU A 257 3.91 -11.86 -13.95
N VAL A 258 5.07 -11.62 -14.56
CA VAL A 258 5.27 -10.43 -15.38
C VAL A 258 5.24 -10.74 -16.87
N GLY A 259 4.91 -11.97 -17.23
CA GLY A 259 4.77 -12.36 -18.62
C GLY A 259 5.99 -13.00 -19.26
N CYS A 260 6.83 -13.67 -18.49
CA CYS A 260 8.02 -14.31 -19.00
C CYS A 260 7.99 -15.80 -18.70
N PRO A 261 8.23 -16.68 -19.71
CA PRO A 261 8.47 -16.28 -21.10
C PRO A 261 7.17 -15.97 -21.84
N PRO A 262 7.24 -15.18 -22.92
CA PRO A 262 6.03 -14.87 -23.68
C PRO A 262 5.41 -16.13 -24.30
N GLY A 263 4.29 -16.57 -23.74
CA GLY A 263 3.66 -17.81 -24.17
C GLY A 263 3.32 -17.87 -25.64
N GLY A 264 3.88 -18.84 -26.36
CA GLY A 264 4.76 -19.84 -25.80
C GLY A 264 6.10 -19.87 -26.49
N THR A 265 7.16 -19.56 -25.74
CA THR A 265 8.55 -19.58 -26.22
C THR A 265 9.56 -20.30 -25.33
N GLY A 266 9.35 -20.47 -24.03
CA GLY A 266 10.39 -21.05 -23.22
C GLY A 266 11.51 -20.06 -22.93
N GLY A 267 12.39 -20.47 -22.02
CA GLY A 267 12.27 -21.76 -21.37
C GLY A 267 13.52 -22.04 -20.59
N ASN A 268 14.66 -21.99 -21.29
CA ASN A 268 15.94 -22.09 -20.64
C ASN A 268 16.21 -20.81 -19.85
N ASP A 269 17.21 -20.88 -18.96
CA ASP A 269 17.49 -19.75 -18.08
C ASP A 269 17.93 -18.52 -18.84
N THR A 270 18.47 -18.69 -20.05
CA THR A 270 18.99 -17.53 -20.77
C THR A 270 17.87 -16.73 -21.43
N GLU A 271 16.76 -17.37 -21.82
CA GLU A 271 15.64 -16.61 -22.35
C GLU A 271 14.76 -16.03 -21.25
N LEU A 272 14.80 -16.62 -20.06
CA LEU A 272 14.03 -16.09 -18.95
C LEU A 272 14.63 -14.79 -18.43
N VAL A 273 15.95 -14.77 -18.22
CA VAL A 273 16.59 -13.56 -17.72
C VAL A 273 16.58 -12.46 -18.77
N ALA A 274 16.71 -12.83 -20.05
CA ALA A 274 16.61 -11.83 -21.10
C ALA A 274 15.24 -11.17 -21.09
N CYS A 275 14.19 -11.96 -20.89
CA CYS A 275 12.84 -11.42 -20.79
C CYS A 275 12.69 -10.56 -19.54
N LEU A 276 13.24 -11.02 -18.40
CA LEU A 276 13.18 -10.24 -17.17
C LEU A 276 13.91 -8.90 -17.30
N ARG A 277 14.96 -8.84 -18.13
CA ARG A 277 15.71 -7.60 -18.26
C ARG A 277 14.96 -6.54 -19.05
N THR A 278 13.90 -6.92 -19.77
CA THR A 278 13.12 -5.96 -20.53
C THR A 278 11.97 -5.36 -19.72
N ARG A 279 11.70 -5.86 -18.53
CA ARG A 279 10.57 -5.35 -17.76
C ARG A 279 10.99 -4.17 -16.88
N PRO A 280 10.13 -3.15 -16.76
CA PRO A 280 10.42 -2.05 -15.84
C PRO A 280 10.62 -2.55 -14.42
N ALA A 281 11.48 -1.84 -13.68
CA ALA A 281 11.84 -2.30 -12.34
C ALA A 281 10.63 -2.32 -11.41
N GLN A 282 9.74 -1.32 -11.53
CA GLN A 282 8.58 -1.29 -10.64
C GLN A 282 7.63 -2.45 -10.91
N VAL A 283 7.59 -2.95 -12.14
CA VAL A 283 6.78 -4.12 -12.45
C VAL A 283 7.30 -5.34 -11.70
N LEU A 284 8.62 -5.50 -11.63
CA LEU A 284 9.20 -6.61 -10.88
C LEU A 284 8.89 -6.48 -9.40
N VAL A 285 8.96 -5.26 -8.87
CA VAL A 285 8.67 -5.06 -7.45
C VAL A 285 7.20 -5.30 -7.16
N ASN A 286 6.31 -4.99 -8.12
CA ASN A 286 4.88 -5.11 -7.90
C ASN A 286 4.42 -6.55 -7.71
N HIS A 287 5.29 -7.53 -7.98
CA HIS A 287 4.93 -8.94 -7.89
C HIS A 287 5.88 -9.70 -6.96
N GLU A 288 6.57 -8.99 -6.07
CA GLU A 288 7.61 -9.64 -5.27
C GLU A 288 7.00 -10.55 -4.20
N TRP A 289 6.05 -10.03 -3.42
CA TRP A 289 5.34 -10.81 -2.39
C TRP A 289 4.28 -11.71 -2.98
N HIS A 290 4.54 -12.24 -4.15
CA HIS A 290 3.54 -12.92 -4.95
C HIS A 290 4.00 -14.30 -5.41
N VAL A 291 5.15 -14.78 -4.93
CA VAL A 291 5.74 -16.00 -5.48
C VAL A 291 5.90 -17.06 -4.40
N LEU A 292 6.14 -16.62 -3.16
CA LEU A 292 6.39 -17.50 -2.03
C LEU A 292 5.05 -18.13 -1.60
N PRO A 293 5.04 -19.07 -0.61
CA PRO A 293 3.76 -19.69 -0.19
C PRO A 293 2.58 -18.73 0.02
N GLN A 294 2.84 -17.45 0.26
CA GLN A 294 1.87 -16.36 0.36
C GLN A 294 1.18 -16.34 1.74
N GLU A 295 1.47 -17.28 2.62
CA GLU A 295 0.71 -17.47 3.86
C GLU A 295 1.64 -17.56 5.07
N SER A 296 2.48 -16.53 5.26
CA SER A 296 3.34 -16.49 6.44
C SER A 296 4.08 -15.17 6.61
N VAL A 297 4.00 -14.58 7.81
CA VAL A 297 4.94 -13.54 8.19
C VAL A 297 6.34 -14.15 8.17
N PHE A 298 7.33 -13.26 8.02
CA PHE A 298 8.75 -13.54 8.25
C PHE A 298 9.41 -14.40 7.17
N ARG A 299 8.75 -14.61 6.03
CA ARG A 299 9.37 -15.29 4.89
C ARG A 299 9.50 -14.30 3.74
N PHE A 300 10.71 -14.18 3.21
CA PHE A 300 11.04 -13.20 2.19
C PHE A 300 11.42 -13.91 0.89
N SER A 301 10.97 -13.35 -0.23
CA SER A 301 10.97 -14.11 -1.49
C SER A 301 12.38 -14.33 -2.01
N PHE A 302 13.19 -13.28 -2.07
CA PHE A 302 14.51 -13.33 -2.70
C PHE A 302 15.57 -13.03 -1.65
N VAL A 303 16.23 -14.08 -1.19
CA VAL A 303 17.23 -14.02 -0.13
C VAL A 303 18.48 -14.70 -0.66
N PRO A 304 19.60 -14.67 0.07
CA PRO A 304 20.80 -15.39 -0.39
C PRO A 304 20.52 -16.87 -0.62
N VAL A 305 20.96 -17.37 -1.76
CA VAL A 305 20.83 -18.78 -2.11
C VAL A 305 22.12 -19.48 -1.75
N VAL A 306 22.01 -20.75 -1.36
CA VAL A 306 23.20 -21.59 -1.14
C VAL A 306 23.59 -22.29 -2.44
N ASP A 307 24.28 -21.57 -3.34
CA ASP A 307 24.62 -22.08 -4.66
C ASP A 307 25.87 -22.96 -4.69
N GLY A 308 26.69 -22.95 -3.64
CA GLY A 308 28.01 -23.53 -3.70
C GLY A 308 29.11 -22.53 -4.03
N ASP A 309 28.75 -21.30 -4.40
CA ASP A 309 29.71 -20.27 -4.76
C ASP A 309 30.03 -19.41 -3.55
N PHE A 310 29.22 -18.36 -3.33
CA PHE A 310 29.46 -17.46 -2.20
C PHE A 310 29.47 -18.22 -0.88
N LEU A 311 28.61 -19.23 -0.76
CA LEU A 311 28.59 -20.14 0.39
C LEU A 311 28.87 -21.54 -0.14
N SER A 312 29.99 -22.12 0.30
CA SER A 312 30.34 -23.48 -0.13
C SER A 312 29.36 -24.51 0.39
N ASP A 313 28.68 -24.22 1.48
CA ASP A 313 27.64 -25.08 2.04
C ASP A 313 26.70 -24.20 2.85
N THR A 314 25.74 -24.82 3.54
CA THR A 314 24.76 -24.07 4.31
C THR A 314 25.46 -23.28 5.42
N PRO A 315 24.89 -22.14 5.83
CA PRO A 315 25.49 -21.40 6.96
C PRO A 315 25.61 -22.23 8.22
N GLU A 316 24.68 -23.16 8.46
CA GLU A 316 24.74 -23.97 9.66
C GLU A 316 25.95 -24.90 9.64
N ALA A 317 26.25 -25.49 8.48
CA ALA A 317 27.42 -26.35 8.35
C ALA A 317 28.71 -25.57 8.51
N LEU A 318 28.82 -24.41 7.86
CA LEU A 318 30.06 -23.64 7.91
C LEU A 318 30.32 -23.09 9.30
N ILE A 319 29.27 -22.80 10.07
CA ILE A 319 29.44 -22.37 11.45
C ILE A 319 29.98 -23.50 12.31
N ASN A 320 29.53 -24.74 12.04
CA ASN A 320 29.95 -25.87 12.85
C ASN A 320 31.39 -26.30 12.54
N ALA A 321 31.75 -26.38 11.26
CA ALA A 321 33.06 -26.84 10.83
C ALA A 321 34.02 -25.68 10.56
N GLY A 322 33.99 -24.63 11.37
CA GLY A 322 34.73 -23.41 11.09
C GLY A 322 35.69 -23.05 12.20
N ASP A 323 36.90 -22.63 11.82
CA ASP A 323 37.89 -22.14 12.77
C ASP A 323 37.73 -20.63 12.90
N PHE A 324 37.52 -20.15 14.12
CA PHE A 324 37.24 -18.74 14.37
C PHE A 324 38.25 -18.11 15.32
N HIS A 325 39.46 -18.66 15.38
CA HIS A 325 40.49 -18.09 16.22
C HIS A 325 40.93 -16.73 15.68
N GLY A 326 41.24 -15.81 16.59
CA GLY A 326 41.65 -14.49 16.20
C GLY A 326 40.54 -13.56 15.77
N LEU A 327 39.29 -14.00 15.87
CA LEU A 327 38.12 -13.21 15.52
C LEU A 327 37.41 -12.77 16.79
N GLN A 328 37.05 -11.49 16.86
CA GLN A 328 36.23 -10.96 17.96
C GLN A 328 34.85 -10.58 17.40
N VAL A 329 33.81 -10.98 18.12
CA VAL A 329 32.43 -10.80 17.67
C VAL A 329 31.62 -10.22 18.82
N LEU A 330 30.89 -9.15 18.54
CA LEU A 330 29.86 -8.64 19.44
C LEU A 330 28.50 -9.00 18.85
N VAL A 331 27.63 -9.59 19.67
CA VAL A 331 26.35 -10.11 19.21
C VAL A 331 25.30 -9.78 20.26
N GLY A 332 24.05 -9.70 19.82
CA GLY A 332 22.97 -9.38 20.75
C GLY A 332 21.63 -9.29 20.05
N VAL A 333 20.59 -9.12 20.86
CA VAL A 333 19.21 -9.04 20.42
C VAL A 333 18.50 -7.98 21.24
N VAL A 334 17.22 -7.78 20.98
CA VAL A 334 16.39 -6.88 21.78
C VAL A 334 15.44 -7.71 22.63
N LYS A 335 14.79 -7.05 23.60
CA LYS A 335 13.99 -7.77 24.59
C LYS A 335 12.76 -8.42 23.96
N ASP A 336 12.17 -7.80 22.92
CA ASP A 336 10.92 -8.28 22.32
C ASP A 336 11.07 -8.29 20.80
N GLU A 337 11.83 -9.26 20.30
CA GLU A 337 12.18 -9.29 18.87
C GLU A 337 10.96 -9.46 17.98
N GLY A 338 9.96 -10.22 18.40
CA GLY A 338 8.89 -10.56 17.50
C GLY A 338 7.64 -9.71 17.55
N SER A 339 7.58 -8.72 18.45
CA SER A 339 6.30 -8.04 18.66
C SER A 339 5.89 -7.22 17.45
N TYR A 340 6.84 -6.54 16.80
CA TYR A 340 6.53 -5.68 15.66
C TYR A 340 6.15 -6.49 14.42
N PHE A 341 6.56 -7.75 14.32
CA PHE A 341 6.19 -8.58 13.18
C PHE A 341 4.78 -9.16 13.29
N LEU A 342 4.17 -9.19 14.49
CA LEU A 342 2.86 -9.83 14.62
C LEU A 342 1.75 -9.03 13.96
N VAL A 343 1.89 -7.71 13.83
CA VAL A 343 0.85 -6.92 13.15
C VAL A 343 0.89 -7.08 11.63
N TYR A 344 1.79 -7.91 11.11
CA TYR A 344 1.91 -8.12 9.67
C TYR A 344 1.24 -9.41 9.21
N GLY A 345 0.24 -9.90 9.94
CA GLY A 345 -0.46 -11.08 9.48
C GLY A 345 -1.04 -11.97 10.57
N ALA A 346 -0.46 -11.91 11.76
CA ALA A 346 -0.95 -12.73 12.87
C ALA A 346 -2.37 -12.29 13.25
N PRO A 347 -3.34 -13.19 13.27
CA PRO A 347 -4.73 -12.79 13.51
C PRO A 347 -4.92 -12.21 14.91
N GLY A 348 -5.86 -11.28 15.02
CA GLY A 348 -6.16 -10.62 16.27
C GLY A 348 -5.25 -9.48 16.64
N PHE A 349 -4.16 -9.28 15.91
CA PHE A 349 -3.17 -8.27 16.25
C PHE A 349 -3.44 -6.96 15.51
N SER A 350 -3.23 -5.85 16.22
CA SER A 350 -3.44 -4.52 15.69
C SER A 350 -2.71 -3.53 16.58
N LYS A 351 -1.84 -2.70 15.99
CA LYS A 351 -1.06 -1.77 16.81
C LYS A 351 -1.92 -0.73 17.49
N ASP A 352 -3.19 -0.60 17.12
CA ASP A 352 -4.04 0.45 17.65
C ASP A 352 -5.00 -0.03 18.73
N ASN A 353 -5.03 -1.34 19.02
CA ASN A 353 -5.67 -1.83 20.24
C ASN A 353 -4.63 -2.57 21.08
N GLU A 354 -5.08 -3.41 22.00
CA GLU A 354 -4.20 -4.10 22.92
C GLU A 354 -3.79 -5.49 22.45
N SER A 355 -4.33 -5.96 21.33
CA SER A 355 -3.98 -7.27 20.77
C SER A 355 -4.11 -8.38 21.80
N LEU A 356 -5.19 -8.33 22.59
CA LEU A 356 -5.48 -9.38 23.56
C LEU A 356 -6.13 -10.55 22.84
N ILE A 357 -5.28 -11.37 22.23
CA ILE A 357 -5.74 -12.45 21.35
C ILE A 357 -6.36 -13.58 22.17
N SER A 358 -7.32 -14.26 21.56
CA SER A 358 -7.88 -15.49 22.09
C SER A 358 -6.91 -16.65 21.84
N ARG A 359 -7.23 -17.80 22.43
CA ARG A 359 -6.36 -18.97 22.25
C ARG A 359 -6.47 -19.52 20.83
N ALA A 360 -7.65 -19.42 20.21
CA ALA A 360 -7.76 -19.87 18.83
C ALA A 360 -6.83 -19.08 17.93
N GLU A 361 -6.74 -17.77 18.16
CA GLU A 361 -5.83 -16.92 17.38
C GLU A 361 -4.37 -17.24 17.67
N PHE A 362 -4.05 -17.61 18.92
CA PHE A 362 -2.69 -18.00 19.25
C PHE A 362 -2.25 -19.24 18.49
N LEU A 363 -3.09 -20.28 18.50
CA LEU A 363 -2.76 -21.50 17.77
C LEU A 363 -2.71 -21.27 16.26
N ALA A 364 -3.51 -20.34 15.75
CA ALA A 364 -3.42 -19.97 14.33
C ALA A 364 -2.19 -19.10 14.08
N GLY A 365 -1.86 -18.21 15.02
CA GLY A 365 -0.69 -17.37 14.83
C GLY A 365 0.62 -18.13 14.83
N VAL A 366 0.66 -19.29 15.51
CA VAL A 366 1.88 -20.10 15.50
C VAL A 366 2.16 -20.63 14.10
N ARG A 367 1.11 -21.01 13.37
CA ARG A 367 1.31 -21.52 12.01
C ARG A 367 1.82 -20.43 11.09
N VAL A 368 1.49 -19.17 11.37
CA VAL A 368 1.96 -18.06 10.56
C VAL A 368 3.36 -17.63 11.00
N GLY A 369 3.61 -17.59 12.30
CA GLY A 369 4.95 -17.25 12.79
C GLY A 369 5.99 -18.31 12.51
N VAL A 370 5.59 -19.58 12.52
CA VAL A 370 6.50 -20.69 12.22
C VAL A 370 5.92 -21.47 11.05
N PRO A 371 6.16 -21.04 9.81
CA PRO A 371 5.56 -21.72 8.66
C PRO A 371 6.33 -22.97 8.27
N GLN A 372 5.72 -23.73 7.35
CA GLN A 372 6.35 -24.90 6.74
C GLN A 372 6.79 -25.92 7.78
N VAL A 373 5.92 -26.16 8.76
CA VAL A 373 6.17 -27.14 9.81
C VAL A 373 4.98 -28.07 9.90
N SER A 374 5.24 -29.30 10.35
CA SER A 374 4.19 -30.29 10.50
C SER A 374 3.25 -29.90 11.63
N ASP A 375 2.05 -30.49 11.59
CA ASP A 375 1.06 -30.23 12.64
C ASP A 375 1.55 -30.75 13.99
N LEU A 376 2.25 -31.88 13.98
CA LEU A 376 2.84 -32.38 15.22
C LEU A 376 3.88 -31.41 15.76
N ALA A 377 4.67 -30.80 14.87
CA ALA A 377 5.66 -29.82 15.31
C ALA A 377 5.00 -28.58 15.88
N ALA A 378 3.84 -28.19 15.33
CA ALA A 378 3.12 -27.04 15.88
C ALA A 378 2.64 -27.33 17.30
N GLU A 379 2.20 -28.56 17.57
CA GLU A 379 1.76 -28.92 18.92
C GLU A 379 2.88 -28.76 19.93
N ALA A 380 4.10 -29.15 19.54
CA ALA A 380 5.24 -29.00 20.44
C ALA A 380 5.52 -27.53 20.75
N VAL A 381 5.31 -26.64 19.77
CA VAL A 381 5.48 -25.21 20.04
C VAL A 381 4.44 -24.73 21.02
N VAL A 382 3.19 -25.16 20.83
CA VAL A 382 2.11 -24.79 21.75
C VAL A 382 2.39 -25.31 23.16
N LEU A 383 2.87 -26.55 23.28
CA LEU A 383 3.21 -27.09 24.60
C LEU A 383 4.27 -26.24 25.28
N HIS A 384 5.33 -25.90 24.55
CA HIS A 384 6.47 -25.23 25.17
C HIS A 384 6.15 -23.79 25.54
N TYR A 385 5.23 -23.15 24.82
CA TYR A 385 4.99 -21.72 24.97
C TYR A 385 3.66 -21.40 25.65
N THR A 386 2.99 -22.38 26.24
CA THR A 386 1.75 -22.14 26.96
C THR A 386 2.01 -22.22 28.47
N ASP A 387 1.50 -21.24 29.20
CA ASP A 387 1.45 -21.32 30.66
C ASP A 387 0.17 -22.09 31.02
N TRP A 388 0.33 -23.35 31.42
CA TRP A 388 -0.83 -24.21 31.61
C TRP A 388 -1.59 -23.93 32.90
N LEU A 389 -1.13 -22.97 33.70
CA LEU A 389 -1.97 -22.47 34.78
C LEU A 389 -2.90 -21.37 34.29
N HIS A 390 -2.53 -20.68 33.22
CA HIS A 390 -3.37 -19.65 32.60
C HIS A 390 -3.35 -19.83 31.10
N PRO A 391 -3.89 -20.95 30.60
CA PRO A 391 -3.76 -21.25 29.16
C PRO A 391 -4.62 -20.37 28.27
N GLU A 392 -5.51 -19.55 28.83
CA GLU A 392 -6.44 -18.75 28.03
C GLU A 392 -6.31 -17.26 28.32
N ASP A 393 -5.35 -16.86 29.15
CA ASP A 393 -5.14 -15.45 29.43
C ASP A 393 -4.67 -14.74 28.16
N PRO A 394 -5.42 -13.77 27.64
CA PRO A 394 -5.02 -13.14 26.38
C PRO A 394 -3.69 -12.43 26.46
N ALA A 395 -3.42 -11.70 27.54
CA ALA A 395 -2.16 -10.96 27.66
C ALA A 395 -0.97 -11.92 27.66
N ARG A 396 -1.10 -13.09 28.27
CA ARG A 396 0.01 -14.04 28.26
C ARG A 396 0.15 -14.70 26.90
N LEU A 397 -0.97 -14.96 26.22
CA LEU A 397 -0.90 -15.56 24.90
C LEU A 397 -0.26 -14.61 23.89
N ARG A 398 -0.54 -13.31 24.01
CA ARG A 398 0.10 -12.33 23.13
C ARG A 398 1.61 -12.39 23.26
N GLU A 399 2.12 -12.35 24.50
CA GLU A 399 3.56 -12.37 24.70
C GLU A 399 4.18 -13.71 24.36
N ALA A 400 3.41 -14.79 24.44
CA ALA A 400 3.94 -16.09 24.04
C ALA A 400 4.16 -16.14 22.53
N LEU A 401 3.19 -15.65 21.74
CA LEU A 401 3.39 -15.63 20.30
C LEU A 401 4.50 -14.66 19.92
N SER A 402 4.64 -13.56 20.65
CA SER A 402 5.77 -12.66 20.44
C SER A 402 7.08 -13.38 20.69
N ASP A 403 7.13 -14.28 21.69
CA ASP A 403 8.34 -15.05 21.93
C ASP A 403 8.50 -16.16 20.90
N VAL A 404 7.41 -16.84 20.53
CA VAL A 404 7.49 -17.89 19.51
C VAL A 404 8.16 -17.37 18.25
N VAL A 405 7.74 -16.18 17.81
CA VAL A 405 8.31 -15.62 16.59
C VAL A 405 9.69 -15.04 16.86
N GLY A 406 9.86 -14.38 18.00
CA GLY A 406 11.17 -13.83 18.33
C GLY A 406 12.24 -14.91 18.53
N ASP A 407 11.89 -15.99 19.21
CA ASP A 407 12.87 -17.05 19.46
C ASP A 407 13.21 -17.80 18.19
N HIS A 408 12.20 -18.16 17.39
CA HIS A 408 12.45 -18.97 16.21
C HIS A 408 13.24 -18.21 15.15
N ASN A 409 13.02 -16.90 15.01
CA ASN A 409 13.60 -16.17 13.90
C ASN A 409 14.88 -15.42 14.23
N VAL A 410 15.05 -14.97 15.48
CA VAL A 410 16.18 -14.11 15.80
C VAL A 410 17.00 -14.69 16.94
N VAL A 411 16.40 -14.83 18.13
CA VAL A 411 17.19 -15.06 19.34
C VAL A 411 17.86 -16.42 19.30
N CYS A 412 17.14 -17.45 18.89
CA CYS A 412 17.78 -18.77 18.94
C CYS A 412 18.76 -19.00 17.79
N PRO A 413 18.50 -18.51 16.57
CA PRO A 413 19.58 -18.55 15.55
C PRO A 413 20.82 -17.78 15.95
N VAL A 414 20.66 -16.74 16.80
CA VAL A 414 21.80 -15.95 17.23
C VAL A 414 22.58 -16.64 18.34
N ALA A 415 21.87 -17.18 19.34
CA ALA A 415 22.56 -17.87 20.43
C ALA A 415 23.29 -19.11 19.93
N GLN A 416 22.69 -19.82 18.97
CA GLN A 416 23.35 -20.97 18.36
C GLN A 416 24.67 -20.55 17.73
N LEU A 417 24.65 -19.47 16.97
CA LEU A 417 25.87 -18.97 16.35
C LEU A 417 26.88 -18.50 17.39
N ALA A 418 26.42 -17.74 18.39
CA ALA A 418 27.32 -17.18 19.39
C ALA A 418 28.04 -18.27 20.17
N GLY A 419 27.28 -19.27 20.65
CA GLY A 419 27.92 -20.37 21.35
C GLY A 419 28.90 -21.14 20.48
N ARG A 420 28.51 -21.41 19.23
CA ARG A 420 29.41 -22.12 18.32
C ARG A 420 30.66 -21.31 18.00
N LEU A 421 30.56 -19.98 17.99
CA LEU A 421 31.75 -19.17 17.73
C LEU A 421 32.71 -19.21 18.90
N ALA A 422 32.19 -18.97 20.11
CA ALA A 422 33.05 -18.90 21.30
C ALA A 422 33.74 -20.23 21.56
N ALA A 423 33.05 -21.35 21.37
CA ALA A 423 33.65 -22.64 21.61
C ALA A 423 34.62 -23.07 20.50
N GLN A 424 34.89 -22.22 19.51
CA GLN A 424 35.76 -22.59 18.41
C GLN A 424 36.76 -21.48 18.10
N GLY A 425 37.08 -20.65 19.09
CA GLY A 425 38.22 -19.75 19.03
C GLY A 425 37.88 -18.28 19.05
N ALA A 426 36.63 -17.91 18.80
CA ALA A 426 36.24 -16.52 18.68
C ALA A 426 35.92 -15.94 20.05
N ARG A 427 36.50 -14.78 20.36
CA ARG A 427 36.08 -14.04 21.53
C ARG A 427 34.73 -13.39 21.23
N VAL A 428 33.73 -13.70 22.03
CA VAL A 428 32.35 -13.31 21.77
C VAL A 428 31.85 -12.52 22.97
N TYR A 429 31.17 -11.40 22.70
CA TYR A 429 30.45 -10.65 23.71
C TYR A 429 28.98 -10.60 23.33
N ALA A 430 28.11 -10.65 24.33
CA ALA A 430 26.68 -10.75 24.11
C ALA A 430 25.95 -9.70 24.90
N TYR A 431 24.82 -9.25 24.37
CA TYR A 431 24.00 -8.25 25.05
C TYR A 431 22.53 -8.53 24.79
N VAL A 432 21.68 -7.88 25.57
CA VAL A 432 20.24 -7.82 25.33
C VAL A 432 19.78 -6.39 25.60
N PHE A 433 19.22 -5.75 24.57
CA PHE A 433 18.78 -4.36 24.68
C PHE A 433 17.42 -4.32 25.38
N GLU A 434 17.35 -3.62 26.51
CA GLU A 434 16.15 -3.66 27.35
C GLU A 434 15.65 -2.27 27.71
N HIS A 435 15.91 -1.26 26.87
CA HIS A 435 15.38 0.08 27.08
C HIS A 435 14.44 0.44 25.94
N ARG A 436 13.21 0.80 26.28
CA ARG A 436 12.24 1.25 25.29
C ARG A 436 12.31 2.76 25.19
N ALA A 437 12.54 3.27 23.98
CA ALA A 437 12.74 4.70 23.81
C ALA A 437 11.49 5.47 24.23
N SER A 438 11.72 6.60 24.92
CA SER A 438 10.61 7.44 25.36
C SER A 438 9.87 8.08 24.19
N THR A 439 10.42 8.04 22.99
CA THR A 439 9.81 8.63 21.82
C THR A 439 9.18 7.59 20.89
N LEU A 440 9.11 6.34 21.33
CA LEU A 440 8.69 5.26 20.46
C LEU A 440 7.22 5.40 20.10
N SER A 441 6.91 5.27 18.80
CA SER A 441 5.54 5.42 18.32
C SER A 441 4.74 4.12 18.34
N TRP A 442 5.40 2.97 18.38
CA TRP A 442 4.69 1.70 18.51
C TRP A 442 3.99 1.61 19.86
N PRO A 443 2.96 0.77 19.98
CA PRO A 443 2.20 0.70 21.23
C PRO A 443 3.03 0.10 22.37
N LEU A 444 2.56 0.34 23.59
CA LEU A 444 3.31 -0.06 24.78
C LEU A 444 3.49 -1.57 24.87
N TRP A 445 2.50 -2.35 24.43
CA TRP A 445 2.58 -3.79 24.59
C TRP A 445 3.65 -4.44 23.72
N MET A 446 4.21 -3.72 22.74
CA MET A 446 5.29 -4.30 21.95
C MET A 446 6.63 -4.23 22.65
N GLY A 447 6.70 -3.54 23.78
CA GLY A 447 7.93 -3.50 24.55
C GLY A 447 9.04 -2.80 23.79
N VAL A 448 10.13 -3.52 23.60
CA VAL A 448 11.27 -3.02 22.85
C VAL A 448 11.29 -3.78 21.51
N PRO A 449 10.67 -3.24 20.47
CA PRO A 449 10.53 -4.01 19.23
C PRO A 449 11.86 -4.14 18.50
N HIS A 450 11.85 -5.04 17.53
CA HIS A 450 13.00 -5.29 16.69
C HIS A 450 13.40 -4.04 15.92
N GLY A 451 14.65 -3.60 16.08
CA GLY A 451 15.21 -2.51 15.31
C GLY A 451 15.40 -1.22 16.06
N TYR A 452 14.83 -1.09 17.26
CA TYR A 452 14.84 0.18 17.98
C TYR A 452 15.96 0.24 19.00
N GLU A 453 17.06 -0.48 18.76
CA GLU A 453 18.33 -0.18 19.39
C GLU A 453 19.24 0.61 18.47
N ILE A 454 18.94 0.63 17.16
CA ILE A 454 19.82 1.29 16.19
C ILE A 454 19.93 2.78 16.48
N GLU A 455 18.82 3.42 16.83
CA GLU A 455 18.86 4.86 17.07
C GLU A 455 19.76 5.21 18.25
N PHE A 456 19.95 4.29 19.19
CA PHE A 456 20.86 4.56 20.29
C PHE A 456 22.31 4.24 19.95
N ILE A 457 22.55 3.24 19.10
CA ILE A 457 23.92 2.96 18.65
C ILE A 457 24.45 4.12 17.81
N PHE A 458 23.58 4.81 17.10
CA PHE A 458 23.97 5.92 16.22
C PHE A 458 23.85 7.28 16.89
N GLY A 459 23.61 7.31 18.20
CA GLY A 459 23.59 8.57 18.93
C GLY A 459 22.49 9.52 18.51
N ILE A 460 21.40 8.99 17.93
CA ILE A 460 20.31 9.87 17.49
C ILE A 460 19.73 10.70 18.63
N PRO A 461 19.66 10.22 19.88
CA PRO A 461 19.15 11.11 20.94
C PRO A 461 19.92 12.42 21.10
N LEU A 462 21.13 12.53 20.53
CA LEU A 462 21.91 13.77 20.65
C LEU A 462 21.38 14.87 19.75
N ASP A 463 20.62 14.52 18.70
CA ASP A 463 19.98 15.48 17.81
C ASP A 463 19.08 16.40 18.63
N PRO A 464 19.41 17.69 18.71
CA PRO A 464 18.66 18.60 19.60
C PRO A 464 17.20 18.77 19.19
N SER A 465 16.86 18.55 17.91
CA SER A 465 15.49 18.70 17.47
C SER A 465 14.58 17.56 17.95
N ARG A 466 15.14 16.47 18.46
CA ARG A 466 14.34 15.34 18.92
C ARG A 466 14.11 15.43 20.43
N ASN A 467 12.95 14.93 20.86
CA ASN A 467 12.50 15.12 22.24
C ASN A 467 12.90 13.91 23.10
N TYR A 468 14.20 13.66 23.15
CA TYR A 468 14.75 12.63 24.01
C TYR A 468 15.04 13.19 25.40
N THR A 469 15.15 12.29 26.37
CA THR A 469 15.43 12.67 27.76
C THR A 469 16.93 12.79 27.99
N ALA A 470 17.28 13.44 29.12
CA ALA A 470 18.68 13.55 29.50
C ALA A 470 19.29 12.19 29.81
N GLU A 471 18.52 11.28 30.42
CA GLU A 471 19.02 9.93 30.69
C GLU A 471 19.35 9.18 29.39
N GLU A 472 18.48 9.30 28.39
CA GLU A 472 18.72 8.63 27.11
C GLU A 472 19.90 9.22 26.37
N LYS A 473 20.16 10.52 26.54
CA LYS A 473 21.35 11.13 25.95
C LYS A 473 22.62 10.50 26.53
N ILE A 474 22.70 10.42 27.86
CA ILE A 474 23.85 9.78 28.50
C ILE A 474 23.89 8.30 28.14
N PHE A 475 22.72 7.66 28.06
CA PHE A 475 22.68 6.24 27.72
C PHE A 475 23.21 5.98 26.31
N ALA A 476 22.84 6.84 25.34
CA ALA A 476 23.35 6.68 23.99
C ALA A 476 24.86 6.87 23.91
N GLN A 477 25.41 7.78 24.72
CA GLN A 477 26.85 7.97 24.75
C GLN A 477 27.57 6.73 25.30
N ARG A 478 26.95 6.05 26.28
CA ARG A 478 27.52 4.80 26.79
C ARG A 478 27.60 3.75 25.69
N LEU A 479 26.49 3.55 24.97
CA LEU A 479 26.47 2.51 23.93
C LEU A 479 27.46 2.83 22.82
N MET A 480 27.55 4.10 22.39
CA MET A 480 28.52 4.46 21.37
C MET A 480 29.95 4.14 21.80
N ARG A 481 30.27 4.30 23.10
CA ARG A 481 31.60 3.92 23.56
C ARG A 481 31.79 2.42 23.52
N TYR A 482 30.78 1.64 23.91
CA TYR A 482 30.87 0.19 23.82
C TYR A 482 31.18 -0.26 22.40
N TRP A 483 30.41 0.24 21.42
CA TRP A 483 30.62 -0.17 20.03
C TRP A 483 31.97 0.30 19.52
N ALA A 484 32.37 1.54 19.85
CA ALA A 484 33.64 2.07 19.36
C ALA A 484 34.82 1.35 20.00
N ASN A 485 34.78 1.14 21.32
CA ASN A 485 35.83 0.37 21.99
C ASN A 485 35.98 -1.01 21.36
N PHE A 486 34.86 -1.68 21.06
CA PHE A 486 34.95 -2.95 20.36
C PHE A 486 35.52 -2.75 18.95
N ALA A 487 35.24 -1.62 18.32
CA ALA A 487 35.82 -1.35 17.01
C ALA A 487 37.32 -1.13 17.10
N ARG A 488 37.77 -0.43 18.14
CA ARG A 488 39.19 -0.13 18.32
C ARG A 488 39.95 -1.36 18.84
N THR A 489 39.55 -1.87 20.01
CA THR A 489 40.31 -2.92 20.70
C THR A 489 39.71 -4.30 20.55
N GLY A 490 38.44 -4.42 20.20
CA GLY A 490 37.77 -5.71 20.23
C GLY A 490 37.23 -6.09 21.59
N ASP A 491 37.18 -5.15 22.52
CA ASP A 491 36.70 -5.38 23.88
C ASP A 491 35.82 -4.19 24.24
N PRO A 492 34.51 -4.40 24.41
CA PRO A 492 33.61 -3.26 24.69
C PRO A 492 33.94 -2.53 25.99
N ASN A 493 34.74 -3.13 26.87
CA ASN A 493 35.14 -2.46 28.10
C ASN A 493 36.27 -1.48 27.82
N GLU A 494 36.25 -0.35 28.51
CA GLU A 494 37.33 0.63 28.37
C GLU A 494 38.65 0.00 28.80
N PRO A 495 39.73 0.21 28.03
CA PRO A 495 40.99 -0.50 28.34
C PRO A 495 41.60 -0.17 29.70
N ARG A 496 41.07 0.83 30.42
CA ARG A 496 41.64 1.19 31.71
C ARG A 496 40.61 1.33 32.82
N ASP A 497 39.44 1.92 32.54
CA ASP A 497 38.44 2.26 33.54
C ASP A 497 38.00 1.02 34.33
N PRO A 498 38.31 0.94 35.63
CA PRO A 498 37.84 -0.19 36.44
C PRO A 498 36.55 0.15 37.19
N LYS A 499 36.16 1.43 37.17
CA LYS A 499 34.98 1.86 37.90
C LYS A 499 33.70 1.36 37.24
N ALA A 500 33.64 1.38 35.91
CA ALA A 500 32.47 0.91 35.20
C ALA A 500 32.35 -0.61 35.35
N PRO A 501 31.13 -1.14 35.44
CA PRO A 501 30.97 -2.60 35.56
C PRO A 501 31.56 -3.33 34.37
N GLN A 502 32.01 -4.56 34.61
CA GLN A 502 32.72 -5.32 33.59
C GLN A 502 31.74 -6.14 32.75
N TRP A 503 32.04 -6.22 31.45
CA TRP A 503 31.26 -6.98 30.49
C TRP A 503 32.03 -8.26 30.17
N PRO A 504 31.68 -9.40 30.76
CA PRO A 504 32.46 -10.62 30.56
C PRO A 504 32.19 -11.23 29.20
N PRO A 505 33.19 -11.87 28.58
CA PRO A 505 32.96 -12.53 27.30
C PRO A 505 31.88 -13.59 27.40
N TYR A 506 31.30 -13.89 26.25
CA TYR A 506 30.27 -14.93 26.13
C TYR A 506 30.96 -16.24 25.78
N THR A 507 30.73 -17.26 26.61
CA THR A 507 31.31 -18.58 26.42
C THR A 507 30.20 -19.61 26.24
N ALA A 508 30.54 -20.68 25.53
CA ALA A 508 29.56 -21.72 25.22
C ALA A 508 29.00 -22.40 26.48
N GLY A 509 29.73 -22.33 27.59
CA GLY A 509 29.26 -22.92 28.83
C GLY A 509 28.61 -21.93 29.79
N ALA A 510 29.31 -20.86 30.13
CA ALA A 510 28.74 -19.88 31.06
C ALA A 510 27.60 -19.10 30.42
N GLN A 511 27.75 -18.75 29.13
CA GLN A 511 26.71 -18.06 28.37
C GLN A 511 26.34 -16.72 29.01
N GLN A 512 27.36 -15.93 29.32
CA GLN A 512 27.16 -14.65 29.99
C GLN A 512 26.89 -13.53 29.00
N TYR A 513 25.99 -12.64 29.37
CA TYR A 513 25.68 -11.45 28.58
C TYR A 513 25.32 -10.34 29.55
N VAL A 514 25.20 -9.13 29.03
CA VAL A 514 24.84 -7.97 29.84
C VAL A 514 23.53 -7.39 29.32
N SER A 515 22.80 -6.72 30.20
CA SER A 515 21.59 -5.99 29.84
C SER A 515 21.95 -4.54 29.61
N LEU A 516 21.58 -4.02 28.43
CA LEU A 516 21.83 -2.64 28.05
C LEU A 516 20.56 -1.83 28.29
N ASP A 517 20.58 -0.96 29.30
CA ASP A 517 19.47 -0.09 29.62
C ASP A 517 20.01 1.08 30.45
N LEU A 518 19.10 1.87 31.02
CA LEU A 518 19.52 3.05 31.77
C LEU A 518 20.26 2.68 33.04
N ARG A 519 19.97 1.51 33.62
CA ARG A 519 20.72 1.04 34.77
C ARG A 519 22.11 0.61 34.32
N PRO A 520 23.08 0.58 35.24
CA PRO A 520 24.41 0.08 34.90
C PRO A 520 24.35 -1.37 34.45
N LEU A 521 25.47 -1.83 33.87
CA LEU A 521 25.53 -3.18 33.33
C LEU A 521 25.19 -4.23 34.40
N GLU A 522 24.50 -5.29 33.98
CA GLU A 522 24.14 -6.40 34.84
C GLU A 522 24.39 -7.69 34.06
N VAL A 523 25.19 -8.60 34.61
CA VAL A 523 25.53 -9.83 33.92
C VAL A 523 24.45 -10.87 34.19
N ARG A 524 24.07 -11.60 33.14
CA ARG A 524 23.07 -12.65 33.22
C ARG A 524 23.57 -13.82 32.40
N ARG A 525 22.95 -14.98 32.60
CA ARG A 525 23.35 -16.19 31.92
C ARG A 525 22.16 -16.73 31.13
N GLY A 526 22.41 -17.08 29.87
CA GLY A 526 21.42 -17.75 29.06
C GLY A 526 20.61 -16.81 28.17
N LEU A 527 20.91 -16.84 26.87
CA LEU A 527 20.10 -16.15 25.86
C LEU A 527 18.86 -16.99 25.58
N ARG A 528 17.90 -16.92 26.51
CA ARG A 528 16.72 -17.76 26.50
C ARG A 528 17.11 -19.22 26.34
N ALA A 529 17.88 -19.72 27.31
CA ALA A 529 18.51 -21.03 27.16
C ALA A 529 17.47 -22.14 27.06
N GLN A 530 16.40 -22.05 27.85
CA GLN A 530 15.39 -23.10 27.84
C GLN A 530 14.63 -23.13 26.52
N ALA A 531 14.11 -21.98 26.10
CA ALA A 531 13.33 -21.93 24.87
C ALA A 531 14.18 -22.29 23.66
N CYS A 532 15.43 -21.87 23.64
CA CYS A 532 16.26 -22.12 22.48
C CYS A 532 16.74 -23.56 22.40
N ALA A 533 16.71 -24.28 23.52
CA ALA A 533 16.99 -25.71 23.44
C ALA A 533 15.91 -26.44 22.67
N PHE A 534 14.68 -25.93 22.72
CA PHE A 534 13.61 -26.53 21.93
C PHE A 534 13.84 -26.34 20.44
N TRP A 535 14.20 -25.12 20.02
CA TRP A 535 14.38 -24.83 18.59
C TRP A 535 15.64 -25.48 18.03
N ASN A 536 16.76 -25.36 18.73
CA ASN A 536 18.05 -25.78 18.19
C ASN A 536 18.34 -27.26 18.41
N ARG A 537 17.80 -27.88 19.45
CA ARG A 537 18.12 -29.26 19.77
C ARG A 537 16.98 -30.23 19.49
N PHE A 538 15.78 -29.95 20.00
CA PHE A 538 14.71 -30.95 19.91
C PHE A 538 13.98 -30.87 18.57
N LEU A 539 13.61 -29.67 18.13
CA LEU A 539 12.80 -29.56 16.91
C LEU A 539 13.41 -30.23 15.68
N PRO A 540 14.72 -30.19 15.44
CA PRO A 540 15.26 -30.95 14.30
C PRO A 540 15.07 -32.46 14.44
N LYS A 541 15.13 -32.99 15.67
CA LYS A 541 15.01 -34.43 15.87
C LYS A 541 13.60 -34.92 15.53
N LEU A 542 12.58 -34.11 15.79
CA LEU A 542 11.22 -34.48 15.43
C LEU A 542 11.05 -34.50 13.91
N LEU A 543 11.32 -33.37 13.26
CA LEU A 543 11.07 -33.24 11.83
C LEU A 543 11.90 -34.21 10.98
N SER A 544 12.94 -34.83 11.55
CA SER A 544 13.62 -35.92 10.87
C SER A 544 12.73 -37.17 10.80
N ALA A 545 11.92 -37.41 11.82
CA ALA A 545 10.92 -38.46 11.82
C ALA A 545 9.55 -37.81 11.59
N THR A 546 9.21 -37.63 10.32
CA THR A 546 7.96 -36.94 9.93
C THR A 546 6.74 -37.73 10.39
N GLU B 7 -9.94 44.50 -15.40
CA GLU B 7 -10.43 43.50 -14.46
C GLU B 7 -11.58 42.69 -15.05
N ASP B 8 -11.53 41.36 -14.85
CA ASP B 8 -12.54 40.46 -15.39
C ASP B 8 -13.59 40.19 -14.32
N ALA B 9 -14.68 40.96 -14.37
CA ALA B 9 -15.79 40.81 -13.43
C ALA B 9 -16.57 39.51 -13.66
N GLU B 10 -16.12 38.66 -14.58
CA GLU B 10 -16.78 37.39 -14.82
C GLU B 10 -16.50 36.39 -13.71
N LEU B 11 -15.26 36.32 -13.23
CA LEU B 11 -14.86 35.41 -12.17
C LEU B 11 -15.29 35.88 -10.79
N LEU B 12 -16.28 36.76 -10.68
CA LEU B 12 -16.76 37.26 -9.40
C LEU B 12 -18.25 36.96 -9.32
N VAL B 13 -18.64 36.15 -8.32
CA VAL B 13 -20.02 35.71 -8.17
C VAL B 13 -20.36 35.74 -6.69
N THR B 14 -21.57 36.21 -6.37
CA THR B 14 -22.08 36.20 -5.02
C THR B 14 -23.14 35.10 -4.92
N VAL B 15 -23.11 34.35 -3.81
CA VAL B 15 -24.10 33.31 -3.52
C VAL B 15 -24.73 33.64 -2.17
N ARG B 16 -25.71 32.83 -1.75
CA ARG B 16 -26.45 33.11 -0.53
C ARG B 16 -25.55 33.19 0.71
N GLY B 17 -24.34 32.65 0.64
CA GLY B 17 -23.49 32.59 1.80
C GLY B 17 -22.41 33.66 1.81
N GLY B 18 -22.07 34.19 0.65
CA GLY B 18 -21.00 35.17 0.57
C GLY B 18 -20.53 35.34 -0.86
N ARG B 19 -19.34 35.88 -1.01
CA ARG B 19 -18.75 36.17 -2.31
C ARG B 19 -17.65 35.16 -2.62
N LEU B 20 -17.43 34.93 -3.92
CA LEU B 20 -16.45 33.97 -4.40
C LEU B 20 -15.73 34.56 -5.60
N ARG B 21 -14.48 34.12 -5.79
N ARG B 21 -14.47 34.17 -5.77
CA ARG B 21 -13.67 34.51 -6.94
CA ARG B 21 -13.74 34.52 -6.98
C ARG B 21 -13.14 33.25 -7.61
C ARG B 21 -13.19 33.26 -7.61
N GLY B 22 -13.41 33.11 -8.91
CA GLY B 22 -13.06 31.93 -9.65
C GLY B 22 -11.84 32.12 -10.53
N ILE B 23 -11.70 31.22 -11.51
CA ILE B 23 -10.53 31.17 -12.36
C ILE B 23 -10.97 30.81 -13.78
N ARG B 24 -10.21 31.27 -14.77
CA ARG B 24 -10.52 31.04 -16.17
C ARG B 24 -9.67 29.89 -16.70
N LEU B 25 -10.34 28.85 -17.19
CA LEU B 25 -9.69 27.67 -17.73
C LEU B 25 -9.75 27.69 -19.25
N LYS B 26 -8.69 27.19 -19.88
CA LYS B 26 -8.53 27.23 -21.32
C LYS B 26 -8.86 25.88 -21.94
N THR B 27 -9.70 25.90 -22.97
CA THR B 27 -9.94 24.78 -23.86
C THR B 27 -9.53 25.16 -25.27
N PRO B 28 -9.22 24.19 -26.14
CA PRO B 28 -8.89 24.53 -27.52
C PRO B 28 -9.99 25.26 -28.27
N GLY B 29 -11.22 25.24 -27.77
CA GLY B 29 -12.33 25.91 -28.40
C GLY B 29 -12.90 27.09 -27.65
N GLY B 30 -12.21 27.62 -26.64
CA GLY B 30 -12.69 28.75 -25.90
C GLY B 30 -12.50 28.61 -24.40
N PRO B 31 -12.61 29.71 -23.67
CA PRO B 31 -12.41 29.69 -22.22
C PRO B 31 -13.67 29.28 -21.48
N VAL B 32 -13.49 29.03 -20.18
CA VAL B 32 -14.57 28.58 -19.30
C VAL B 32 -14.31 29.17 -17.92
N SER B 33 -15.38 29.56 -17.22
CA SER B 33 -15.27 30.10 -15.87
C SER B 33 -15.53 28.97 -14.88
N ALA B 34 -14.58 28.73 -13.98
CA ALA B 34 -14.65 27.65 -13.01
C ALA B 34 -14.58 28.20 -11.59
N PHE B 35 -15.42 27.66 -10.70
CA PHE B 35 -15.46 28.06 -9.29
C PHE B 35 -15.21 26.82 -8.44
N LEU B 36 -13.94 26.49 -8.23
CA LEU B 36 -13.52 25.26 -7.58
C LEU B 36 -13.27 25.52 -6.09
N GLY B 37 -13.94 24.77 -5.24
CA GLY B 37 -13.68 24.82 -3.82
C GLY B 37 -14.70 25.56 -2.98
N ILE B 38 -15.94 25.67 -3.44
CA ILE B 38 -16.98 26.39 -2.73
C ILE B 38 -17.43 25.57 -1.52
N PRO B 39 -17.32 26.10 -0.30
CA PRO B 39 -17.83 25.36 0.85
C PRO B 39 -19.35 25.35 0.86
N PHE B 40 -19.93 24.16 0.94
CA PHE B 40 -21.38 24.02 1.05
C PHE B 40 -21.82 23.45 2.40
N ALA B 41 -20.88 23.17 3.30
CA ALA B 41 -21.27 22.67 4.60
C ALA B 41 -20.19 23.01 5.61
N GLU B 42 -20.59 23.08 6.87
CA GLU B 42 -19.63 23.21 7.96
C GLU B 42 -18.73 21.98 7.98
N PRO B 43 -17.42 22.17 8.14
CA PRO B 43 -16.51 21.02 8.18
C PRO B 43 -16.91 20.03 9.23
N PRO B 44 -17.24 18.79 8.85
CA PRO B 44 -17.73 17.77 9.82
C PRO B 44 -16.59 17.15 10.61
N MET B 45 -16.04 17.94 11.53
CA MET B 45 -14.91 17.52 12.34
C MET B 45 -15.26 17.58 13.82
N GLY B 46 -14.40 16.99 14.63
CA GLY B 46 -14.61 16.96 16.06
C GLY B 46 -15.88 16.23 16.43
N PRO B 47 -16.76 16.90 17.17
CA PRO B 47 -18.02 16.28 17.56
C PRO B 47 -18.98 16.09 16.40
N ARG B 48 -18.68 16.63 15.23
N ARG B 48 -18.69 16.64 15.23
CA ARG B 48 -19.55 16.50 14.06
CA ARG B 48 -19.53 16.52 14.05
C ARG B 48 -19.14 15.35 13.16
C ARG B 48 -19.16 15.33 13.18
N ARG B 49 -18.15 14.55 13.56
CA ARG B 49 -17.80 13.36 12.80
C ARG B 49 -18.88 12.30 12.97
N PHE B 50 -19.26 11.67 11.85
CA PHE B 50 -20.36 10.71 11.70
C PHE B 50 -21.74 11.36 11.76
N LEU B 51 -21.83 12.68 11.94
CA LEU B 51 -23.10 13.38 12.02
C LEU B 51 -23.53 13.87 10.64
N PRO B 52 -24.83 14.12 10.46
CA PRO B 52 -25.29 14.68 9.19
C PRO B 52 -24.71 16.08 8.98
N PRO B 53 -24.57 16.51 7.73
CA PRO B 53 -23.94 17.80 7.47
C PRO B 53 -24.85 18.96 7.83
N GLU B 54 -24.24 20.01 8.37
CA GLU B 54 -24.86 21.31 8.64
C GLU B 54 -24.54 22.27 7.52
N PRO B 55 -25.47 23.14 7.12
CA PRO B 55 -25.18 24.06 6.02
C PRO B 55 -24.09 25.04 6.41
N LYS B 56 -23.24 25.38 5.44
CA LYS B 56 -22.16 26.33 5.67
C LYS B 56 -22.74 27.69 6.06
N GLN B 57 -22.32 28.19 7.21
CA GLN B 57 -22.77 29.50 7.68
C GLN B 57 -22.14 30.60 6.82
N PRO B 58 -22.82 31.73 6.64
CA PRO B 58 -22.31 32.77 5.74
C PRO B 58 -20.97 33.32 6.21
N TRP B 59 -20.18 33.81 5.26
CA TRP B 59 -18.81 34.22 5.52
C TRP B 59 -18.58 35.65 5.08
N SER B 60 -17.61 36.29 5.71
CA SER B 60 -17.23 37.65 5.37
C SER B 60 -16.07 37.62 4.37
N GLY B 61 -16.15 38.47 3.37
CA GLY B 61 -15.08 38.60 2.40
C GLY B 61 -15.33 37.82 1.14
N VAL B 62 -14.22 37.48 0.48
CA VAL B 62 -14.25 36.76 -0.80
C VAL B 62 -13.50 35.45 -0.61
N VAL B 63 -14.25 34.36 -0.52
CA VAL B 63 -13.67 33.02 -0.46
C VAL B 63 -12.98 32.72 -1.78
N ASP B 64 -11.73 32.27 -1.72
CA ASP B 64 -11.02 31.92 -2.93
C ASP B 64 -11.56 30.62 -3.50
N ALA B 65 -11.82 30.60 -4.80
CA ALA B 65 -12.41 29.45 -5.46
C ALA B 65 -11.70 29.16 -6.77
N THR B 66 -10.36 29.10 -6.72
CA THR B 66 -9.54 28.88 -7.90
C THR B 66 -8.82 27.53 -7.91
N THR B 67 -8.95 26.74 -6.86
CA THR B 67 -8.31 25.44 -6.78
C THR B 67 -9.25 24.46 -6.08
N PHE B 68 -9.07 23.18 -6.39
CA PHE B 68 -9.84 22.16 -5.70
C PHE B 68 -9.46 22.11 -4.23
N GLN B 69 -10.44 21.86 -3.37
CA GLN B 69 -10.20 21.73 -1.95
C GLN B 69 -9.75 20.30 -1.62
N SER B 70 -9.70 19.99 -0.33
CA SER B 70 -9.12 18.74 0.13
C SER B 70 -10.01 17.56 -0.23
N VAL B 71 -9.37 16.38 -0.34
CA VAL B 71 -10.03 15.10 -0.57
C VAL B 71 -10.44 14.52 0.79
N CYS B 72 -11.64 13.94 0.84
CA CYS B 72 -12.12 13.30 2.05
C CYS B 72 -11.26 12.09 2.41
N TYR B 73 -11.07 11.87 3.72
CA TYR B 73 -10.18 10.82 4.19
C TYR B 73 -10.62 9.47 3.64
N GLN B 74 -9.69 8.77 2.98
CA GLN B 74 -10.06 7.59 2.22
C GLN B 74 -8.82 6.73 2.03
N TYR B 75 -9.06 5.43 1.84
CA TYR B 75 -7.98 4.50 1.55
C TYR B 75 -7.32 4.85 0.22
N VAL B 76 -6.02 4.68 0.15
CA VAL B 76 -5.24 4.96 -1.05
C VAL B 76 -4.79 3.63 -1.64
N ASP B 77 -5.19 3.37 -2.88
CA ASP B 77 -4.83 2.13 -3.56
C ASP B 77 -3.32 2.05 -3.76
N THR B 78 -2.72 0.95 -3.29
CA THR B 78 -1.28 0.74 -3.42
C THR B 78 -0.97 -0.59 -4.07
N LEU B 79 -1.88 -1.10 -4.91
CA LEU B 79 -1.66 -2.38 -5.56
C LEU B 79 -0.57 -2.29 -6.62
N TYR B 80 -0.60 -1.24 -7.44
CA TYR B 80 0.38 -1.03 -8.51
C TYR B 80 0.95 0.38 -8.40
N PRO B 81 1.96 0.58 -7.56
CA PRO B 81 2.55 1.93 -7.43
C PRO B 81 3.10 2.43 -8.76
N GLY B 82 2.83 3.70 -9.04
CA GLY B 82 3.28 4.30 -10.27
C GLY B 82 2.47 3.98 -11.49
N PHE B 83 1.48 3.09 -11.38
CA PHE B 83 0.70 2.68 -12.54
C PHE B 83 -0.43 3.68 -12.82
N GLU B 84 -0.50 4.16 -14.07
CA GLU B 84 -1.49 5.17 -14.41
C GLU B 84 -2.91 4.66 -14.20
N GLY B 85 -3.13 3.37 -14.44
CA GLY B 85 -4.49 2.84 -14.41
C GLY B 85 -5.13 2.85 -13.04
N THR B 86 -4.33 2.68 -12.00
CA THR B 86 -4.82 2.74 -10.62
C THR B 86 -4.68 4.13 -10.00
N GLU B 87 -3.55 4.80 -10.21
CA GLU B 87 -3.30 6.07 -9.55
C GLU B 87 -4.17 7.20 -10.10
N MET B 88 -4.76 7.04 -11.28
CA MET B 88 -5.67 8.05 -11.80
C MET B 88 -6.93 8.19 -10.94
N TRP B 89 -7.23 7.22 -10.06
CA TRP B 89 -8.39 7.30 -9.19
C TRP B 89 -8.02 7.67 -7.76
N ASN B 90 -6.73 7.71 -7.44
CA ASN B 90 -6.26 8.01 -6.10
C ASN B 90 -6.35 9.52 -5.82
N PRO B 91 -6.36 9.91 -4.55
CA PRO B 91 -6.45 11.34 -4.22
C PRO B 91 -5.32 12.14 -4.83
N ASN B 92 -5.66 13.33 -5.33
CA ASN B 92 -4.68 14.24 -5.91
C ASN B 92 -4.63 15.57 -5.16
N ARG B 93 -5.34 15.68 -4.04
CA ARG B 93 -5.15 16.75 -3.07
C ARG B 93 -4.91 16.11 -1.70
N GLU B 94 -4.51 16.94 -0.74
CA GLU B 94 -4.26 16.44 0.60
C GLU B 94 -5.55 15.94 1.23
N LEU B 95 -5.46 14.85 1.99
CA LEU B 95 -6.61 14.29 2.69
C LEU B 95 -6.96 15.16 3.90
N SER B 96 -8.26 15.29 4.17
CA SER B 96 -8.74 16.05 5.31
C SER B 96 -10.19 15.71 5.57
N GLU B 97 -10.61 15.81 6.84
CA GLU B 97 -12.03 15.74 7.13
C GLU B 97 -12.75 17.00 6.70
N ASP B 98 -12.02 18.12 6.57
CA ASP B 98 -12.54 19.34 5.99
C ASP B 98 -12.51 19.16 4.47
N CYS B 99 -13.58 18.55 3.94
CA CYS B 99 -13.63 18.21 2.52
C CYS B 99 -14.97 18.49 1.85
N LEU B 100 -15.99 18.91 2.58
CA LEU B 100 -17.31 19.18 1.99
C LEU B 100 -17.24 20.47 1.17
N TYR B 101 -16.75 20.33 -0.06
CA TYR B 101 -16.68 21.43 -1.01
C TYR B 101 -17.20 20.94 -2.36
N LEU B 102 -17.84 21.85 -3.10
CA LEU B 102 -18.31 21.54 -4.44
C LEU B 102 -17.65 22.48 -5.45
N ASN B 103 -17.83 22.17 -6.72
CA ASN B 103 -17.22 22.93 -7.80
C ASN B 103 -18.25 23.19 -8.87
N VAL B 104 -18.15 24.35 -9.51
CA VAL B 104 -19.11 24.78 -10.52
C VAL B 104 -18.35 25.28 -11.73
N TRP B 105 -18.55 24.64 -12.87
CA TRP B 105 -18.08 25.15 -14.14
C TRP B 105 -19.25 25.85 -14.84
N THR B 106 -18.93 26.85 -15.65
CA THR B 106 -19.93 27.63 -16.37
C THR B 106 -19.26 28.24 -17.59
N PRO B 107 -20.01 28.43 -18.69
CA PRO B 107 -19.37 28.86 -19.93
C PRO B 107 -19.00 30.33 -19.89
N TYR B 108 -18.13 30.71 -20.83
CA TYR B 108 -17.79 32.10 -21.05
C TYR B 108 -18.16 32.49 -22.47
N PRO B 109 -18.96 33.56 -22.67
CA PRO B 109 -19.53 34.41 -21.62
C PRO B 109 -20.58 33.69 -20.77
N ARG B 110 -20.77 34.14 -19.54
CA ARG B 110 -21.73 33.50 -18.67
C ARG B 110 -23.09 33.47 -19.34
N PRO B 111 -23.82 32.35 -19.26
CA PRO B 111 -25.15 32.30 -19.89
C PRO B 111 -26.06 33.37 -19.29
N THR B 112 -26.84 33.99 -20.17
CA THR B 112 -27.77 35.03 -19.79
C THR B 112 -29.13 34.46 -19.42
N SER B 113 -29.66 33.53 -20.25
CA SER B 113 -30.88 32.79 -19.96
C SER B 113 -30.55 31.53 -19.16
N PRO B 114 -31.49 31.04 -18.35
CA PRO B 114 -31.24 29.83 -17.56
C PRO B 114 -30.80 28.66 -18.43
N THR B 115 -29.80 27.93 -17.95
CA THR B 115 -29.17 26.83 -18.65
C THR B 115 -29.27 25.54 -17.84
N PRO B 116 -29.53 24.40 -18.47
CA PRO B 116 -29.56 23.13 -17.75
C PRO B 116 -28.20 22.82 -17.14
N VAL B 117 -28.22 22.12 -16.00
CA VAL B 117 -27.01 21.89 -15.22
C VAL B 117 -26.83 20.40 -14.97
N LEU B 118 -25.62 19.90 -15.20
CA LEU B 118 -25.22 18.54 -14.86
C LEU B 118 -24.59 18.53 -13.48
N VAL B 119 -24.96 17.53 -12.67
CA VAL B 119 -24.40 17.35 -11.34
C VAL B 119 -23.74 15.98 -11.28
N TRP B 120 -22.42 15.97 -11.08
CA TRP B 120 -21.62 14.75 -11.08
C TRP B 120 -21.43 14.21 -9.67
N ILE B 121 -21.58 12.90 -9.52
CA ILE B 121 -21.35 12.20 -8.26
C ILE B 121 -20.34 11.10 -8.52
N TYR B 122 -19.12 11.27 -8.02
CA TYR B 122 -18.05 10.33 -8.33
C TYR B 122 -18.31 8.97 -7.67
N GLY B 123 -17.70 7.94 -8.25
CA GLY B 123 -17.73 6.61 -7.68
C GLY B 123 -16.53 6.32 -6.82
N GLY B 124 -16.35 5.05 -6.50
CA GLY B 124 -15.25 4.63 -5.65
C GLY B 124 -15.71 3.75 -4.51
N GLY B 125 -16.76 2.97 -4.74
CA GLY B 125 -17.23 1.99 -3.78
C GLY B 125 -17.61 2.54 -2.42
N PHE B 126 -17.99 3.81 -2.35
CA PHE B 126 -18.35 4.49 -1.10
C PHE B 126 -17.20 4.52 -0.10
N TYR B 127 -15.98 4.20 -0.53
CA TYR B 127 -14.80 4.24 0.32
C TYR B 127 -13.70 5.12 -0.24
N SER B 128 -13.89 5.72 -1.42
CA SER B 128 -12.86 6.52 -2.06
C SER B 128 -13.49 7.37 -3.15
N GLY B 129 -12.67 8.21 -3.76
CA GLY B 129 -13.09 9.08 -4.84
C GLY B 129 -13.03 10.56 -4.44
N ALA B 130 -12.95 11.41 -5.46
CA ALA B 130 -12.89 12.85 -5.25
C ALA B 130 -13.29 13.55 -6.53
N SER B 131 -13.93 14.71 -6.39
CA SER B 131 -14.33 15.49 -7.55
C SER B 131 -13.16 16.15 -8.25
N SER B 132 -11.97 16.14 -7.65
CA SER B 132 -10.81 16.85 -8.20
C SER B 132 -9.99 16.02 -9.16
N LEU B 133 -10.41 14.78 -9.46
CA LEU B 133 -9.63 13.92 -10.34
C LEU B 133 -9.62 14.49 -11.76
N ASP B 134 -8.46 14.34 -12.42
CA ASP B 134 -8.29 14.92 -13.75
C ASP B 134 -9.36 14.46 -14.72
N VAL B 135 -9.81 13.20 -14.62
CA VAL B 135 -10.81 12.67 -15.54
C VAL B 135 -12.21 13.20 -15.28
N TYR B 136 -12.41 13.98 -14.22
CA TYR B 136 -13.70 14.62 -13.96
C TYR B 136 -13.68 16.10 -14.32
N ASP B 137 -12.64 16.55 -15.00
CA ASP B 137 -12.51 17.95 -15.43
C ASP B 137 -13.68 18.37 -16.31
N GLY B 138 -14.55 19.24 -15.78
CA GLY B 138 -15.70 19.76 -16.50
C GLY B 138 -15.39 20.86 -17.48
N ARG B 139 -14.11 21.12 -17.75
CA ARG B 139 -13.73 22.22 -18.62
C ARG B 139 -14.16 22.01 -20.06
N PHE B 140 -14.26 20.76 -20.51
CA PHE B 140 -14.60 20.50 -21.91
C PHE B 140 -16.09 20.29 -22.11
N LEU B 141 -16.76 19.67 -21.15
CA LEU B 141 -18.19 19.44 -21.28
C LEU B 141 -18.97 20.74 -21.26
N VAL B 142 -18.48 21.73 -20.53
CA VAL B 142 -19.17 23.01 -20.42
C VAL B 142 -18.91 23.88 -21.65
N GLN B 143 -17.68 23.84 -22.18
CA GLN B 143 -17.34 24.64 -23.34
C GLN B 143 -18.07 24.14 -24.59
N ALA B 144 -18.05 22.83 -24.82
CA ALA B 144 -18.57 22.28 -26.07
C ALA B 144 -20.08 22.29 -26.12
N GLU B 145 -20.76 22.19 -24.96
CA GLU B 145 -22.20 22.05 -24.94
C GLU B 145 -22.94 23.18 -24.23
N ARG B 146 -22.21 24.19 -23.75
N ARG B 146 -22.21 24.18 -23.72
CA ARG B 146 -22.80 25.35 -23.07
CA ARG B 146 -22.82 25.35 -23.10
C ARG B 146 -23.82 24.91 -22.02
C ARG B 146 -23.80 24.96 -21.99
N THR B 147 -23.34 24.12 -21.08
CA THR B 147 -24.12 23.69 -19.92
C THR B 147 -23.36 24.06 -18.66
N VAL B 148 -24.04 23.93 -17.53
CA VAL B 148 -23.44 24.17 -16.21
C VAL B 148 -23.15 22.82 -15.58
N LEU B 149 -21.91 22.60 -15.17
CA LEU B 149 -21.51 21.37 -14.52
C LEU B 149 -21.17 21.64 -13.07
N VAL B 150 -21.68 20.80 -12.18
CA VAL B 150 -21.45 20.89 -10.74
C VAL B 150 -21.03 19.52 -10.24
N SER B 151 -19.94 19.47 -9.46
CA SER B 151 -19.51 18.24 -8.82
C SER B 151 -19.16 18.53 -7.37
N MET B 152 -19.62 17.70 -6.45
CA MET B 152 -19.34 17.89 -5.04
C MET B 152 -18.45 16.77 -4.50
N ASN B 153 -17.94 16.98 -3.29
CA ASN B 153 -17.30 15.94 -2.50
C ASN B 153 -18.26 15.49 -1.40
N TYR B 154 -18.28 14.19 -1.14
CA TYR B 154 -19.05 13.65 -0.05
C TYR B 154 -18.17 12.71 0.76
N ARG B 155 -18.50 12.55 2.04
CA ARG B 155 -17.71 11.70 2.91
C ARG B 155 -17.84 10.24 2.50
N VAL B 156 -16.71 9.54 2.39
CA VAL B 156 -16.72 8.13 2.05
C VAL B 156 -16.25 7.30 3.24
N GLY B 157 -16.27 5.98 3.10
CA GLY B 157 -15.71 5.14 4.14
C GLY B 157 -16.50 5.24 5.43
N ALA B 158 -15.79 5.12 6.55
CA ALA B 158 -16.45 5.20 7.86
C ALA B 158 -16.98 6.61 8.12
N PHE B 159 -16.26 7.64 7.67
CA PHE B 159 -16.66 9.01 7.93
C PHE B 159 -17.99 9.36 7.27
N GLY B 160 -18.35 8.63 6.21
CA GLY B 160 -19.60 8.89 5.51
C GLY B 160 -20.66 7.85 5.76
N PHE B 161 -20.26 6.63 6.12
CA PHE B 161 -21.23 5.55 6.15
C PHE B 161 -21.09 4.60 7.34
N LEU B 162 -20.27 4.92 8.33
CA LEU B 162 -20.32 4.17 9.58
C LEU B 162 -21.69 4.40 10.21
N ALA B 163 -22.33 3.31 10.65
CA ALA B 163 -23.70 3.41 11.12
C ALA B 163 -23.89 2.52 12.34
N LEU B 164 -24.28 3.13 13.44
CA LEU B 164 -24.85 2.40 14.56
C LEU B 164 -26.34 2.67 14.53
N PRO B 165 -27.12 1.88 13.79
CA PRO B 165 -28.47 2.29 13.43
C PRO B 165 -29.35 2.53 14.65
N GLY B 166 -30.28 3.47 14.48
CA GLY B 166 -31.18 3.86 15.55
C GLY B 166 -30.62 4.89 16.50
N SER B 167 -29.29 5.07 16.55
CA SER B 167 -28.67 6.00 17.47
C SER B 167 -28.58 7.39 16.85
N ARG B 168 -28.38 8.38 17.71
CA ARG B 168 -28.24 9.76 17.26
C ARG B 168 -26.82 10.12 16.85
N GLU B 169 -25.81 9.39 17.34
CA GLU B 169 -24.43 9.81 17.13
C GLU B 169 -23.89 9.35 15.78
N ALA B 170 -24.28 8.14 15.34
CA ALA B 170 -23.83 7.59 14.06
C ALA B 170 -25.04 7.01 13.35
N PRO B 171 -25.86 7.87 12.72
CA PRO B 171 -27.08 7.38 12.08
C PRO B 171 -26.84 6.67 10.75
N GLY B 172 -25.71 6.92 10.11
CA GLY B 172 -25.42 6.35 8.81
C GLY B 172 -25.98 7.18 7.67
N ASN B 173 -25.50 6.86 6.47
CA ASN B 173 -25.91 7.50 5.22
C ASN B 173 -25.57 8.99 5.20
N VAL B 174 -24.72 9.45 6.12
CA VAL B 174 -24.41 10.88 6.14
C VAL B 174 -23.63 11.29 4.89
N GLY B 175 -22.95 10.35 4.24
CA GLY B 175 -22.33 10.66 2.96
C GLY B 175 -23.34 10.90 1.87
N LEU B 176 -24.49 10.23 1.94
CA LEU B 176 -25.57 10.51 1.01
C LEU B 176 -26.24 11.83 1.35
N LEU B 177 -26.32 12.18 2.63
CA LEU B 177 -26.83 13.49 3.01
C LEU B 177 -25.91 14.61 2.54
N ASP B 178 -24.59 14.38 2.54
CA ASP B 178 -23.66 15.34 1.95
C ASP B 178 -24.02 15.63 0.51
N GLN B 179 -24.37 14.59 -0.26
CA GLN B 179 -24.75 14.79 -1.65
C GLN B 179 -26.07 15.54 -1.74
N ARG B 180 -27.03 15.20 -0.87
CA ARG B 180 -28.29 15.93 -0.84
C ARG B 180 -28.07 17.39 -0.53
N LEU B 181 -27.25 17.68 0.49
CA LEU B 181 -26.96 19.06 0.84
C LEU B 181 -26.40 19.84 -0.34
N ALA B 182 -25.48 19.23 -1.08
CA ALA B 182 -24.98 19.88 -2.30
C ALA B 182 -26.06 20.05 -3.35
N LEU B 183 -27.13 19.26 -3.29
CA LEU B 183 -28.22 19.42 -4.24
C LEU B 183 -29.14 20.56 -3.83
N GLN B 184 -29.42 20.67 -2.54
CA GLN B 184 -30.15 21.83 -2.02
C GLN B 184 -29.38 23.12 -2.26
N TRP B 185 -28.05 23.08 -2.12
CA TRP B 185 -27.23 24.23 -2.47
C TRP B 185 -27.37 24.57 -3.95
N VAL B 186 -27.49 23.54 -4.81
CA VAL B 186 -27.65 23.79 -6.23
C VAL B 186 -29.02 24.43 -6.50
N GLN B 187 -30.04 24.05 -5.74
CA GLN B 187 -31.35 24.67 -5.91
C GLN B 187 -31.34 26.14 -5.52
N GLU B 188 -30.47 26.54 -4.60
CA GLU B 188 -30.50 27.89 -4.06
C GLU B 188 -29.47 28.82 -4.68
N ASN B 189 -28.49 28.30 -5.42
CA ASN B 189 -27.39 29.13 -5.87
C ASN B 189 -26.96 28.89 -7.32
N VAL B 190 -27.55 27.93 -8.04
CA VAL B 190 -27.07 27.69 -9.39
C VAL B 190 -27.51 28.79 -10.34
N ALA B 191 -28.57 29.54 -9.99
CA ALA B 191 -29.00 30.63 -10.84
C ALA B 191 -27.94 31.72 -10.94
N ALA B 192 -27.20 31.95 -9.86
CA ALA B 192 -26.13 32.95 -9.84
C ALA B 192 -25.06 32.65 -10.88
N PHE B 193 -24.92 31.41 -11.31
CA PHE B 193 -23.92 31.05 -12.32
C PHE B 193 -24.51 30.94 -13.72
N GLY B 194 -25.79 31.24 -13.89
CA GLY B 194 -26.44 31.08 -15.17
C GLY B 194 -27.10 29.74 -15.39
N GLY B 195 -27.38 28.99 -14.33
CA GLY B 195 -27.91 27.65 -14.45
C GLY B 195 -29.36 27.58 -14.00
N ASP B 196 -30.13 26.74 -14.68
CA ASP B 196 -31.56 26.62 -14.42
C ASP B 196 -31.80 25.61 -13.31
N PRO B 197 -32.26 26.02 -12.12
CA PRO B 197 -32.57 25.02 -11.08
C PRO B 197 -33.76 24.14 -11.42
N THR B 198 -34.51 24.43 -12.47
CA THR B 198 -35.65 23.62 -12.88
C THR B 198 -35.28 22.65 -14.01
N SER B 199 -33.99 22.40 -14.20
CA SER B 199 -33.52 21.50 -15.25
C SER B 199 -32.15 20.93 -14.86
N VAL B 200 -32.08 20.25 -13.71
CA VAL B 200 -30.84 19.65 -13.22
C VAL B 200 -30.93 18.15 -13.38
N THR B 201 -29.87 17.56 -13.92
CA THR B 201 -29.80 16.13 -14.23
C THR B 201 -28.59 15.55 -13.50
N LEU B 202 -28.85 14.65 -12.54
CA LEU B 202 -27.78 13.94 -11.85
C LEU B 202 -27.15 12.88 -12.77
N PHE B 203 -25.83 12.80 -12.76
CA PHE B 203 -25.15 11.70 -13.46
C PHE B 203 -23.95 11.26 -12.66
N GLY B 204 -23.85 9.94 -12.42
CA GLY B 204 -22.77 9.39 -11.64
C GLY B 204 -22.31 8.08 -12.25
N GLU B 205 -21.21 7.58 -11.72
CA GLU B 205 -20.61 6.34 -12.19
C GLU B 205 -20.28 5.44 -11.01
N SER B 206 -20.42 4.13 -11.22
CA SER B 206 -20.20 3.11 -10.20
C SER B 206 -20.97 3.42 -8.92
N ALA B 207 -20.27 3.63 -7.80
CA ALA B 207 -20.95 4.00 -6.57
C ALA B 207 -21.65 5.34 -6.70
N GLY B 208 -21.20 6.20 -7.62
CA GLY B 208 -21.92 7.41 -7.90
C GLY B 208 -23.23 7.15 -8.61
N ALA B 209 -23.22 6.23 -9.58
CA ALA B 209 -24.46 5.81 -10.21
C ALA B 209 -25.41 5.18 -9.20
N ALA B 210 -24.88 4.39 -8.27
CA ALA B 210 -25.72 3.88 -7.21
C ALA B 210 -26.22 4.99 -6.31
N SER B 211 -25.44 6.07 -6.17
CA SER B 211 -25.90 7.20 -5.38
C SER B 211 -27.06 7.92 -6.09
N VAL B 212 -26.93 8.14 -7.41
CA VAL B 212 -28.01 8.76 -8.18
C VAL B 212 -29.30 7.98 -8.00
N GLY B 213 -29.23 6.65 -8.02
CA GLY B 213 -30.43 5.84 -7.87
C GLY B 213 -31.03 5.92 -6.48
N MET B 214 -30.18 6.05 -5.45
CA MET B 214 -30.73 6.19 -4.10
C MET B 214 -31.40 7.53 -3.89
N HIS B 215 -31.09 8.54 -4.72
CA HIS B 215 -31.82 9.80 -4.64
C HIS B 215 -33.18 9.72 -5.35
N LEU B 216 -33.31 8.90 -6.38
CA LEU B 216 -34.62 8.66 -6.98
C LEU B 216 -35.57 8.00 -6.00
N LEU B 217 -35.06 7.17 -5.10
CA LEU B 217 -35.87 6.40 -4.18
C LEU B 217 -36.02 7.06 -2.82
N SER B 218 -35.43 8.23 -2.62
CA SER B 218 -35.60 8.97 -1.37
C SER B 218 -36.45 10.20 -1.64
N PRO B 219 -37.63 10.31 -1.02
CA PRO B 219 -38.55 11.42 -1.34
C PRO B 219 -37.92 12.79 -1.15
N PRO B 220 -37.20 13.06 -0.04
CA PRO B 220 -36.60 14.39 0.10
C PRO B 220 -35.60 14.73 -0.98
N SER B 221 -34.91 13.74 -1.53
CA SER B 221 -33.94 14.01 -2.59
C SER B 221 -34.60 14.09 -3.96
N ARG B 222 -35.75 13.46 -4.14
CA ARG B 222 -36.38 13.41 -5.45
C ARG B 222 -36.80 14.80 -5.92
N GLY B 223 -37.15 15.68 -5.00
CA GLY B 223 -37.57 17.03 -5.34
C GLY B 223 -36.47 17.97 -5.74
N LEU B 224 -35.23 17.51 -5.80
CA LEU B 224 -34.09 18.39 -6.08
C LEU B 224 -33.48 18.16 -7.45
N PHE B 225 -34.02 17.23 -8.24
CA PHE B 225 -33.52 16.97 -9.58
C PHE B 225 -34.66 16.40 -10.42
N HIS B 226 -34.43 16.31 -11.73
CA HIS B 226 -35.51 16.01 -12.68
C HIS B 226 -35.19 14.83 -13.58
N ARG B 227 -33.91 14.61 -13.84
CA ARG B 227 -33.45 13.50 -14.67
C ARG B 227 -32.28 12.81 -13.98
N ALA B 228 -31.96 11.62 -14.47
CA ALA B 228 -30.95 10.78 -13.83
C ALA B 228 -30.16 10.03 -14.89
N VAL B 229 -28.87 9.87 -14.65
CA VAL B 229 -27.98 9.09 -15.50
C VAL B 229 -27.15 8.19 -14.62
N LEU B 230 -27.21 6.88 -14.87
CA LEU B 230 -26.55 5.87 -14.06
C LEU B 230 -25.58 5.09 -14.95
N GLN B 231 -24.29 5.29 -14.74
CA GLN B 231 -23.24 4.66 -15.55
C GLN B 231 -22.59 3.55 -14.75
N SER B 232 -22.81 2.30 -15.15
CA SER B 232 -22.14 1.14 -14.56
C SER B 232 -22.38 1.05 -13.06
N GLY B 233 -23.63 1.21 -12.65
CA GLY B 233 -23.94 1.08 -11.24
C GLY B 233 -25.41 1.33 -10.95
N ALA B 234 -25.92 0.74 -9.88
CA ALA B 234 -27.33 0.88 -9.55
C ALA B 234 -27.49 0.66 -8.06
N PRO B 235 -28.53 1.22 -7.44
CA PRO B 235 -28.69 1.06 -5.98
C PRO B 235 -29.01 -0.36 -5.56
N ASN B 236 -29.58 -1.18 -6.44
CA ASN B 236 -29.98 -2.54 -6.08
C ASN B 236 -28.86 -3.56 -6.20
N GLY B 237 -27.64 -3.14 -6.52
CA GLY B 237 -26.51 -4.05 -6.57
C GLY B 237 -26.22 -4.72 -5.24
N PRO B 238 -25.59 -5.89 -5.28
CA PRO B 238 -25.27 -6.62 -4.04
C PRO B 238 -24.19 -5.96 -3.19
N TRP B 239 -23.57 -4.88 -3.67
CA TRP B 239 -22.53 -4.18 -2.92
C TRP B 239 -22.96 -2.80 -2.45
N ALA B 240 -24.06 -2.24 -2.99
CA ALA B 240 -24.39 -0.85 -2.73
C ALA B 240 -25.05 -0.62 -1.38
N THR B 241 -25.66 -1.65 -0.78
CA THR B 241 -26.32 -1.49 0.51
C THR B 241 -25.92 -2.61 1.45
N VAL B 242 -26.32 -2.46 2.70
CA VAL B 242 -26.01 -3.45 3.72
C VAL B 242 -27.13 -3.43 4.74
N GLY B 243 -27.35 -4.56 5.38
CA GLY B 243 -28.40 -4.66 6.37
C GLY B 243 -28.12 -3.84 7.61
N MET B 244 -29.17 -3.67 8.41
CA MET B 244 -29.06 -2.90 9.64
C MET B 244 -28.14 -3.59 10.64
N GLY B 245 -28.37 -4.87 10.93
CA GLY B 245 -27.57 -5.57 11.91
C GLY B 245 -26.12 -5.77 11.48
N GLU B 246 -25.89 -5.86 10.17
CA GLU B 246 -24.52 -6.04 9.68
C GLU B 246 -23.73 -4.74 9.77
N ALA B 247 -24.38 -3.60 9.49
CA ALA B 247 -23.73 -2.31 9.68
C ALA B 247 -23.35 -2.09 11.13
N ARG B 248 -24.16 -2.56 12.08
CA ARG B 248 -23.78 -2.47 13.47
C ARG B 248 -22.59 -3.37 13.78
N ARG B 249 -22.55 -4.56 13.18
N ARG B 249 -22.54 -4.55 13.17
CA ARG B 249 -21.42 -5.46 13.41
CA ARG B 249 -21.44 -5.47 13.40
C ARG B 249 -20.13 -4.88 12.86
C ARG B 249 -20.14 -4.91 12.84
N ARG B 250 -20.20 -4.25 11.69
CA ARG B 250 -19.00 -3.67 11.08
C ARG B 250 -18.50 -2.47 11.86
N ALA B 251 -19.42 -1.61 12.32
CA ALA B 251 -19.00 -0.44 13.11
C ALA B 251 -18.36 -0.86 14.43
N THR B 252 -18.95 -1.85 15.11
CA THR B 252 -18.38 -2.30 16.38
C THR B 252 -17.02 -2.94 16.18
N GLN B 253 -16.85 -3.69 15.10
CA GLN B 253 -15.56 -4.29 14.80
C GLN B 253 -14.50 -3.22 14.57
N LEU B 254 -14.84 -2.16 13.81
CA LEU B 254 -13.89 -1.07 13.62
C LEU B 254 -13.51 -0.42 14.93
N ALA B 255 -14.49 -0.22 15.82
CA ALA B 255 -14.18 0.33 17.13
C ALA B 255 -13.22 -0.58 17.88
N HIS B 256 -13.42 -1.90 17.81
CA HIS B 256 -12.52 -2.81 18.50
C HIS B 256 -11.10 -2.72 17.94
N LEU B 257 -10.97 -2.63 16.61
CA LEU B 257 -9.65 -2.62 16.00
C LEU B 257 -8.85 -1.38 16.39
N VAL B 258 -9.53 -0.27 16.67
CA VAL B 258 -8.84 0.95 17.11
C VAL B 258 -8.84 1.10 18.62
N GLY B 259 -9.38 0.12 19.35
CA GLY B 259 -9.33 0.16 20.81
C GLY B 259 -10.54 0.75 21.48
N CYS B 260 -11.72 0.58 20.90
CA CYS B 260 -12.95 1.12 21.44
C CYS B 260 -13.97 0.00 21.66
N PRO B 261 -14.59 -0.10 22.85
CA PRO B 261 -14.32 0.77 23.99
C PRO B 261 -13.04 0.35 24.72
N PRO B 262 -12.48 1.23 25.54
CA PRO B 262 -11.27 0.86 26.30
C PRO B 262 -11.53 -0.36 27.17
N GLY B 263 -10.47 -1.14 27.39
CA GLY B 263 -10.58 -2.40 28.10
C GLY B 263 -11.09 -2.29 29.52
N GLY B 264 -12.41 -2.27 29.70
CA GLY B 264 -13.00 -2.20 31.02
C GLY B 264 -14.29 -1.42 31.10
N THR B 265 -14.62 -0.65 30.06
CA THR B 265 -15.80 0.20 30.04
C THR B 265 -16.89 -0.42 29.17
N GLY B 266 -18.13 0.03 29.41
CA GLY B 266 -19.25 -0.47 28.63
C GLY B 266 -19.18 -0.06 27.18
N GLY B 267 -19.91 -0.79 26.35
CA GLY B 267 -19.87 -0.56 24.91
C GLY B 267 -21.20 -0.21 24.30
N ASN B 268 -21.99 0.63 24.97
CA ASN B 268 -23.23 1.10 24.38
C ASN B 268 -22.92 2.13 23.28
N ASP B 269 -23.97 2.52 22.57
CA ASP B 269 -23.76 3.25 21.31
C ASP B 269 -23.15 4.64 21.53
N THR B 270 -23.52 5.32 22.62
CA THR B 270 -23.05 6.69 22.77
C THR B 270 -21.59 6.75 23.22
N GLU B 271 -21.11 5.77 23.98
CA GLU B 271 -19.70 5.77 24.37
C GLU B 271 -18.81 5.20 23.28
N LEU B 272 -19.36 4.35 22.41
CA LEU B 272 -18.59 3.85 21.27
C LEU B 272 -18.23 4.98 20.32
N VAL B 273 -19.23 5.80 19.93
CA VAL B 273 -18.95 6.89 19.00
C VAL B 273 -18.09 7.95 19.66
N ALA B 274 -18.25 8.17 20.97
CA ALA B 274 -17.40 9.12 21.67
C ALA B 274 -15.95 8.66 21.62
N CYS B 275 -15.72 7.35 21.70
CA CYS B 275 -14.37 6.82 21.59
C CYS B 275 -13.86 6.89 20.16
N LEU B 276 -14.75 6.68 19.18
CA LEU B 276 -14.34 6.80 17.77
C LEU B 276 -14.00 8.24 17.39
N ARG B 277 -14.68 9.22 17.98
CA ARG B 277 -14.42 10.61 17.60
C ARG B 277 -13.07 11.12 18.10
N THR B 278 -12.46 10.45 19.08
CA THR B 278 -11.16 10.89 19.59
C THR B 278 -9.99 10.33 18.78
N ARG B 279 -10.22 9.39 17.88
CA ARG B 279 -9.18 8.73 17.09
C ARG B 279 -8.84 9.56 15.85
N PRO B 280 -7.56 9.64 15.52
CA PRO B 280 -7.16 10.32 14.27
C PRO B 280 -7.80 9.65 13.07
N ALA B 281 -8.11 10.45 12.05
CA ALA B 281 -8.82 9.92 10.89
C ALA B 281 -8.03 8.82 10.20
N GLN B 282 -6.70 8.98 10.10
CA GLN B 282 -5.90 7.97 9.41
C GLN B 282 -5.92 6.63 10.14
N VAL B 283 -6.13 6.65 11.46
CA VAL B 283 -6.22 5.40 12.20
C VAL B 283 -7.48 4.64 11.82
N LEU B 284 -8.60 5.34 11.65
CA LEU B 284 -9.82 4.66 11.22
C LEU B 284 -9.67 4.10 9.81
N VAL B 285 -8.99 4.84 8.93
CA VAL B 285 -8.79 4.37 7.56
C VAL B 285 -7.88 3.16 7.53
N ASN B 286 -6.91 3.08 8.43
CA ASN B 286 -5.94 1.98 8.38
C ASN B 286 -6.53 0.65 8.78
N HIS B 287 -7.76 0.64 9.32
CA HIS B 287 -8.41 -0.59 9.72
C HIS B 287 -9.75 -0.78 9.03
N GLU B 288 -9.99 -0.04 7.94
CA GLU B 288 -11.28 -0.11 7.27
C GLU B 288 -11.51 -1.47 6.62
N TRP B 289 -10.47 -2.06 6.02
CA TRP B 289 -10.59 -3.33 5.31
C TRP B 289 -10.51 -4.56 6.21
N HIS B 290 -10.01 -4.43 7.45
CA HIS B 290 -10.03 -5.53 8.41
C HIS B 290 -11.41 -5.69 9.06
N VAL B 291 -12.35 -4.78 8.79
CA VAL B 291 -13.74 -4.93 9.26
C VAL B 291 -14.48 -6.04 8.50
N LEU B 292 -14.11 -6.32 7.26
CA LEU B 292 -14.51 -7.55 6.56
C LEU B 292 -13.45 -8.63 6.72
N PRO B 293 -13.61 -9.59 7.64
CA PRO B 293 -12.68 -10.73 7.67
C PRO B 293 -12.80 -11.62 6.45
N GLN B 294 -13.91 -11.52 5.70
CA GLN B 294 -14.10 -12.30 4.49
C GLN B 294 -13.18 -11.80 3.37
N GLU B 295 -12.74 -12.73 2.54
CA GLU B 295 -11.91 -12.43 1.37
C GLU B 295 -12.81 -12.44 0.14
N SER B 296 -13.02 -11.27 -0.45
CA SER B 296 -13.95 -11.17 -1.57
C SER B 296 -13.71 -9.85 -2.30
N VAL B 297 -13.48 -9.95 -3.61
CA VAL B 297 -13.57 -8.78 -4.47
C VAL B 297 -15.01 -8.26 -4.43
N PHE B 298 -15.15 -6.94 -4.49
CA PHE B 298 -16.39 -6.18 -4.67
C PHE B 298 -17.21 -5.97 -3.40
N ARG B 299 -16.75 -6.41 -2.23
CA ARG B 299 -17.51 -6.18 -1.00
C ARG B 299 -16.84 -5.08 -0.20
N PHE B 300 -17.57 -3.99 0.02
CA PHE B 300 -17.05 -2.76 0.60
C PHE B 300 -17.56 -2.61 2.02
N SER B 301 -16.69 -2.09 2.89
CA SER B 301 -16.91 -2.19 4.33
C SER B 301 -18.05 -1.31 4.81
N PHE B 302 -18.05 -0.03 4.41
CA PHE B 302 -19.06 0.92 4.87
C PHE B 302 -19.80 1.49 3.66
N VAL B 303 -21.03 1.03 3.49
CA VAL B 303 -21.90 1.43 2.37
C VAL B 303 -23.18 1.98 2.97
N PRO B 304 -24.07 2.57 2.18
CA PRO B 304 -25.37 3.00 2.71
C PRO B 304 -26.14 1.86 3.35
N VAL B 305 -26.70 2.12 4.54
CA VAL B 305 -27.46 1.15 5.31
C VAL B 305 -28.95 1.35 5.06
N VAL B 306 -29.70 0.25 5.00
CA VAL B 306 -31.15 0.30 4.88
C VAL B 306 -31.72 0.49 6.28
N ASP B 307 -32.14 1.72 6.60
CA ASP B 307 -32.49 2.10 7.96
C ASP B 307 -33.95 2.45 8.14
N GLY B 308 -34.67 2.77 7.06
CA GLY B 308 -36.01 3.30 7.14
C GLY B 308 -36.08 4.81 7.07
N ASP B 309 -34.95 5.48 7.24
CA ASP B 309 -34.90 6.94 7.16
C ASP B 309 -34.66 7.37 5.71
N PHE B 310 -33.39 7.33 5.27
CA PHE B 310 -33.09 7.73 3.91
C PHE B 310 -33.77 6.82 2.89
N LEU B 311 -33.86 5.53 3.21
CA LEU B 311 -34.56 4.56 2.37
C LEU B 311 -35.56 3.82 3.26
N SER B 312 -36.85 4.03 3.01
CA SER B 312 -37.89 3.41 3.83
C SER B 312 -37.88 1.90 3.72
N ASP B 313 -37.35 1.36 2.63
CA ASP B 313 -37.22 -0.08 2.45
C ASP B 313 -35.94 -0.33 1.63
N THR B 314 -35.73 -1.58 1.24
CA THR B 314 -34.58 -1.92 0.42
C THR B 314 -34.72 -1.30 -0.97
N PRO B 315 -33.59 -1.00 -1.64
CA PRO B 315 -33.69 -0.46 -3.00
C PRO B 315 -34.48 -1.35 -3.94
N GLU B 316 -34.37 -2.67 -3.80
CA GLU B 316 -35.14 -3.57 -4.68
C GLU B 316 -36.64 -3.44 -4.43
N ALA B 317 -37.04 -3.29 -3.16
CA ALA B 317 -38.45 -3.14 -2.84
C ALA B 317 -39.00 -1.80 -3.34
N LEU B 318 -38.23 -0.72 -3.19
CA LEU B 318 -38.70 0.59 -3.61
C LEU B 318 -38.79 0.69 -5.13
N ILE B 319 -37.87 0.04 -5.85
CA ILE B 319 -37.93 0.07 -7.30
C ILE B 319 -39.15 -0.70 -7.80
N ASN B 320 -39.53 -1.78 -7.10
CA ASN B 320 -40.65 -2.59 -7.56
C ASN B 320 -41.98 -1.89 -7.33
N ALA B 321 -42.10 -1.14 -6.23
CA ALA B 321 -43.36 -0.52 -5.83
C ALA B 321 -43.41 0.98 -6.14
N GLY B 322 -42.63 1.44 -7.11
CA GLY B 322 -42.46 2.86 -7.37
C GLY B 322 -43.07 3.29 -8.68
N ASP B 323 -43.62 4.49 -8.70
CA ASP B 323 -44.13 5.10 -9.92
C ASP B 323 -43.12 6.11 -10.44
N PHE B 324 -42.74 5.97 -11.71
CA PHE B 324 -41.67 6.78 -12.29
C PHE B 324 -42.16 7.56 -13.51
N HIS B 325 -43.44 7.89 -13.55
CA HIS B 325 -43.94 8.74 -14.64
C HIS B 325 -43.32 10.13 -14.54
N GLY B 326 -43.04 10.73 -15.69
CA GLY B 326 -42.42 12.03 -15.69
C GLY B 326 -40.95 12.01 -15.33
N LEU B 327 -40.27 10.90 -15.60
CA LEU B 327 -38.86 10.73 -15.29
C LEU B 327 -38.14 10.22 -16.52
N GLN B 328 -37.02 10.82 -16.87
CA GLN B 328 -36.18 10.35 -17.97
C GLN B 328 -34.87 9.84 -17.38
N VAL B 329 -34.51 8.62 -17.75
CA VAL B 329 -33.31 7.96 -17.23
C VAL B 329 -32.43 7.57 -18.41
N LEU B 330 -31.11 7.64 -18.18
CA LEU B 330 -30.12 7.16 -19.14
C LEU B 330 -29.17 6.25 -18.38
N VAL B 331 -29.21 4.96 -18.68
CA VAL B 331 -28.37 3.97 -18.01
C VAL B 331 -27.47 3.30 -19.03
N GLY B 332 -26.44 2.63 -18.55
CA GLY B 332 -25.51 1.97 -19.45
C GLY B 332 -24.38 1.33 -18.68
N VAL B 333 -23.60 0.54 -19.42
CA VAL B 333 -22.49 -0.22 -18.86
C VAL B 333 -21.38 -0.25 -19.89
N VAL B 334 -20.21 -0.72 -19.47
CA VAL B 334 -19.09 -0.91 -20.36
C VAL B 334 -19.09 -2.36 -20.83
N LYS B 335 -18.24 -2.66 -21.82
CA LYS B 335 -18.24 -3.99 -22.43
C LYS B 335 -17.70 -5.04 -21.48
N ASP B 336 -16.73 -4.69 -20.63
CA ASP B 336 -16.07 -5.66 -19.74
C ASP B 336 -16.02 -5.08 -18.31
N GLU B 337 -17.17 -5.10 -17.63
CA GLU B 337 -17.28 -4.48 -16.31
C GLU B 337 -16.37 -5.14 -15.28
N GLY B 338 -16.28 -6.46 -15.30
CA GLY B 338 -15.58 -7.14 -14.23
C GLY B 338 -14.08 -7.33 -14.40
N SER B 339 -13.49 -6.94 -15.53
CA SER B 339 -12.08 -7.28 -15.74
C SER B 339 -11.15 -6.45 -14.88
N TYR B 340 -11.53 -5.21 -14.55
CA TYR B 340 -10.67 -4.36 -13.73
C TYR B 340 -10.51 -4.89 -12.32
N PHE B 341 -11.46 -5.68 -11.83
CA PHE B 341 -11.49 -6.10 -10.44
C PHE B 341 -10.90 -7.49 -10.21
N LEU B 342 -10.66 -8.27 -11.26
CA LEU B 342 -10.11 -9.59 -11.08
C LEU B 342 -8.64 -9.57 -10.64
N VAL B 343 -7.94 -8.46 -10.83
CA VAL B 343 -6.54 -8.37 -10.37
C VAL B 343 -6.50 -7.95 -8.91
N TYR B 344 -7.63 -8.00 -8.25
CA TYR B 344 -7.75 -7.60 -6.84
C TYR B 344 -8.08 -8.78 -5.93
N GLY B 345 -7.57 -9.96 -6.25
CA GLY B 345 -7.80 -11.08 -5.37
C GLY B 345 -8.20 -12.37 -6.05
N ALA B 346 -8.57 -12.31 -7.33
CA ALA B 346 -8.92 -13.53 -8.05
C ALA B 346 -7.64 -14.33 -8.34
N PRO B 347 -7.60 -15.62 -8.02
CA PRO B 347 -6.36 -16.38 -8.18
C PRO B 347 -5.92 -16.43 -9.64
N GLY B 348 -4.60 -16.38 -9.85
CA GLY B 348 -4.03 -16.51 -11.17
C GLY B 348 -4.04 -15.25 -12.01
N PHE B 349 -4.64 -14.17 -11.53
CA PHE B 349 -4.80 -12.95 -12.32
C PHE B 349 -3.68 -11.96 -12.00
N SER B 350 -3.14 -11.35 -13.05
CA SER B 350 -2.07 -10.37 -12.93
C SER B 350 -2.14 -9.44 -14.12
N LYS B 351 -2.10 -8.14 -13.88
CA LYS B 351 -2.21 -7.20 -15.00
C LYS B 351 -0.99 -7.24 -15.92
N ASP B 352 0.09 -7.91 -15.53
CA ASP B 352 1.33 -7.89 -16.28
C ASP B 352 1.59 -9.16 -17.08
N ASN B 353 0.71 -10.16 -16.97
CA ASN B 353 0.74 -11.27 -17.91
C ASN B 353 -0.62 -11.40 -18.58
N GLU B 354 -0.92 -12.59 -19.11
CA GLU B 354 -2.14 -12.80 -19.86
C GLU B 354 -3.28 -13.35 -19.01
N SER B 355 -3.04 -13.68 -17.74
CA SER B 355 -4.07 -14.20 -16.84
C SER B 355 -4.77 -15.42 -17.43
N LEU B 356 -4.02 -16.28 -18.11
CA LEU B 356 -4.58 -17.53 -18.62
C LEU B 356 -4.78 -18.50 -17.47
N ILE B 357 -5.93 -18.39 -16.79
CA ILE B 357 -6.15 -19.14 -15.56
C ILE B 357 -6.54 -20.57 -15.88
N SER B 358 -6.24 -21.47 -14.96
CA SER B 358 -6.67 -22.85 -15.02
C SER B 358 -8.12 -22.97 -14.56
N ARG B 359 -8.72 -24.13 -14.81
CA ARG B 359 -10.08 -24.35 -14.36
C ARG B 359 -10.16 -24.35 -12.84
N ALA B 360 -9.13 -24.84 -12.17
CA ALA B 360 -9.11 -24.76 -10.72
C ALA B 360 -9.16 -23.31 -10.26
N GLU B 361 -8.40 -22.43 -10.91
CA GLU B 361 -8.41 -21.02 -10.55
C GLU B 361 -9.75 -20.37 -10.89
N PHE B 362 -10.36 -20.76 -12.01
CA PHE B 362 -11.69 -20.26 -12.33
C PHE B 362 -12.71 -20.67 -11.27
N LEU B 363 -12.65 -21.93 -10.82
CA LEU B 363 -13.56 -22.38 -9.77
C LEU B 363 -13.35 -21.60 -8.48
N ALA B 364 -12.08 -21.36 -8.11
CA ALA B 364 -11.80 -20.60 -6.91
C ALA B 364 -12.20 -19.13 -7.07
N GLY B 365 -12.00 -18.58 -8.27
CA GLY B 365 -12.32 -17.18 -8.50
C GLY B 365 -13.80 -16.87 -8.41
N VAL B 366 -14.66 -17.85 -8.71
CA VAL B 366 -16.10 -17.62 -8.64
C VAL B 366 -16.53 -17.34 -7.21
N ARG B 367 -15.92 -18.02 -6.23
CA ARG B 367 -16.27 -17.76 -4.84
C ARG B 367 -15.84 -16.37 -4.39
N VAL B 368 -14.76 -15.85 -4.96
CA VAL B 368 -14.29 -14.53 -4.58
C VAL B 368 -15.09 -13.43 -5.28
N GLY B 369 -15.48 -13.67 -6.54
CA GLY B 369 -16.29 -12.70 -7.26
C GLY B 369 -17.74 -12.69 -6.82
N VAL B 370 -18.27 -13.85 -6.43
CA VAL B 370 -19.63 -13.97 -5.92
C VAL B 370 -19.56 -14.50 -4.50
N PRO B 371 -19.34 -13.65 -3.50
CA PRO B 371 -19.18 -14.14 -2.12
C PRO B 371 -20.53 -14.39 -1.45
N GLN B 372 -20.47 -15.10 -0.33
CA GLN B 372 -21.63 -15.34 0.52
C GLN B 372 -22.74 -16.08 -0.23
N VAL B 373 -22.35 -17.11 -0.99
CA VAL B 373 -23.30 -17.97 -1.69
C VAL B 373 -22.96 -19.42 -1.37
N SER B 374 -23.99 -20.26 -1.39
CA SER B 374 -23.83 -21.66 -1.04
C SER B 374 -23.00 -22.40 -2.10
N ASP B 375 -22.50 -23.57 -1.71
CA ASP B 375 -21.79 -24.42 -2.66
C ASP B 375 -22.70 -24.79 -3.82
N LEU B 376 -23.98 -25.02 -3.54
CA LEU B 376 -24.94 -25.33 -4.59
C LEU B 376 -25.14 -24.13 -5.51
N ALA B 377 -25.05 -22.92 -4.98
CA ALA B 377 -25.24 -21.74 -5.82
C ALA B 377 -24.02 -21.48 -6.70
N ALA B 378 -22.82 -21.76 -6.20
CA ALA B 378 -21.62 -21.56 -7.01
C ALA B 378 -21.56 -22.54 -8.17
N GLU B 379 -22.02 -23.78 -7.96
CA GLU B 379 -22.03 -24.75 -9.05
C GLU B 379 -22.98 -24.33 -10.15
N ALA B 380 -24.10 -23.71 -9.80
CA ALA B 380 -25.00 -23.17 -10.82
C ALA B 380 -24.30 -22.08 -11.64
N VAL B 381 -23.47 -21.26 -10.99
CA VAL B 381 -22.75 -20.23 -11.71
C VAL B 381 -21.76 -20.85 -12.67
N VAL B 382 -21.01 -21.85 -12.21
CA VAL B 382 -20.07 -22.58 -13.06
C VAL B 382 -20.81 -23.22 -14.25
N LEU B 383 -21.99 -23.81 -14.00
CA LEU B 383 -22.80 -24.34 -15.11
C LEU B 383 -23.07 -23.27 -16.16
N HIS B 384 -23.60 -22.12 -15.72
CA HIS B 384 -24.07 -21.13 -16.68
C HIS B 384 -22.92 -20.49 -17.45
N TYR B 385 -21.74 -20.38 -16.84
CA TYR B 385 -20.64 -19.60 -17.41
C TYR B 385 -19.51 -20.46 -17.95
N THR B 386 -19.73 -21.75 -18.15
CA THR B 386 -18.74 -22.63 -18.76
C THR B 386 -19.16 -23.01 -20.17
N ASP B 387 -18.28 -22.82 -21.14
CA ASP B 387 -18.45 -23.40 -22.46
C ASP B 387 -18.05 -24.87 -22.36
N TRP B 388 -19.03 -25.77 -22.42
CA TRP B 388 -18.75 -27.18 -22.15
C TRP B 388 -18.12 -27.91 -23.33
N LEU B 389 -17.98 -27.25 -24.47
CA LEU B 389 -17.09 -27.74 -25.52
C LEU B 389 -15.63 -27.35 -25.29
N HIS B 390 -15.38 -26.31 -24.49
CA HIS B 390 -14.02 -25.90 -24.14
C HIS B 390 -13.94 -25.61 -22.65
N PRO B 391 -14.24 -26.59 -21.79
CA PRO B 391 -14.34 -26.32 -20.35
C PRO B 391 -13.01 -26.04 -19.68
N GLU B 392 -11.89 -26.12 -20.40
CA GLU B 392 -10.58 -25.90 -19.81
C GLU B 392 -9.73 -24.89 -20.58
N ASP B 393 -10.28 -24.27 -21.61
CA ASP B 393 -9.55 -23.24 -22.35
C ASP B 393 -9.30 -22.04 -21.46
N PRO B 394 -8.05 -21.70 -21.15
CA PRO B 394 -7.80 -20.61 -20.19
C PRO B 394 -8.35 -19.26 -20.62
N ALA B 395 -8.22 -18.91 -21.90
CA ALA B 395 -8.72 -17.62 -22.36
C ALA B 395 -10.24 -17.51 -22.20
N ARG B 396 -10.96 -18.61 -22.41
CA ARG B 396 -12.40 -18.56 -22.24
C ARG B 396 -12.79 -18.52 -20.76
N LEU B 397 -12.02 -19.21 -19.91
CA LEU B 397 -12.29 -19.17 -18.49
C LEU B 397 -12.02 -17.79 -17.91
N ARG B 398 -11.02 -17.08 -18.44
CA ARG B 398 -10.72 -15.73 -17.99
C ARG B 398 -11.90 -14.79 -18.26
N GLU B 399 -12.40 -14.80 -19.51
CA GLU B 399 -13.54 -13.95 -19.85
C GLU B 399 -14.82 -14.43 -19.17
N ALA B 400 -14.93 -15.72 -18.88
CA ALA B 400 -16.09 -16.20 -18.13
C ALA B 400 -16.13 -15.57 -16.75
N LEU B 401 -15.02 -15.64 -16.01
CA LEU B 401 -15.00 -15.02 -14.69
C LEU B 401 -15.19 -13.52 -14.80
N SER B 402 -14.67 -12.90 -15.87
CA SER B 402 -14.88 -11.47 -16.07
C SER B 402 -16.36 -11.17 -16.27
N ASP B 403 -17.09 -12.06 -16.94
CA ASP B 403 -18.54 -11.89 -17.08
C ASP B 403 -19.26 -12.23 -15.78
N VAL B 404 -18.84 -13.28 -15.07
CA VAL B 404 -19.47 -13.64 -13.80
C VAL B 404 -19.50 -12.43 -12.88
N VAL B 405 -18.35 -11.77 -12.74
CA VAL B 405 -18.24 -10.67 -11.79
C VAL B 405 -18.93 -9.42 -12.33
N GLY B 406 -18.74 -9.13 -13.63
CA GLY B 406 -19.38 -7.98 -14.22
C GLY B 406 -20.90 -8.06 -14.23
N ASP B 407 -21.45 -9.25 -14.44
CA ASP B 407 -22.90 -9.39 -14.53
C ASP B 407 -23.53 -9.40 -13.14
N HIS B 408 -22.91 -10.08 -12.19
CA HIS B 408 -23.48 -10.16 -10.86
C HIS B 408 -23.52 -8.79 -10.19
N ASN B 409 -22.47 -7.97 -10.37
CA ASN B 409 -22.32 -6.75 -9.60
C ASN B 409 -22.78 -5.49 -10.32
N VAL B 410 -22.79 -5.47 -11.66
CA VAL B 410 -23.05 -4.25 -12.40
C VAL B 410 -24.17 -4.45 -13.41
N VAL B 411 -23.93 -5.30 -14.42
CA VAL B 411 -24.80 -5.33 -15.59
C VAL B 411 -26.21 -5.81 -15.24
N CYS B 412 -26.32 -6.84 -14.42
CA CYS B 412 -27.68 -7.34 -14.18
C CYS B 412 -28.45 -6.51 -13.17
N PRO B 413 -27.84 -6.00 -12.10
CA PRO B 413 -28.58 -5.04 -11.26
C PRO B 413 -29.04 -3.80 -12.01
N VAL B 414 -28.29 -3.38 -13.03
CA VAL B 414 -28.68 -2.24 -13.85
C VAL B 414 -29.82 -2.60 -14.79
N ALA B 415 -29.69 -3.71 -15.52
CA ALA B 415 -30.76 -4.14 -16.43
C ALA B 415 -32.05 -4.39 -15.68
N GLN B 416 -31.96 -4.97 -14.48
CA GLN B 416 -33.14 -5.13 -13.63
C GLN B 416 -33.79 -3.78 -13.36
N LEU B 417 -33.00 -2.79 -12.96
CA LEU B 417 -33.52 -1.45 -12.69
C LEU B 417 -34.09 -0.81 -13.96
N ALA B 418 -33.38 -0.94 -15.08
CA ALA B 418 -33.83 -0.34 -16.33
C ALA B 418 -35.17 -0.93 -16.78
N GLY B 419 -35.37 -2.23 -16.54
CA GLY B 419 -36.64 -2.84 -16.90
C GLY B 419 -37.78 -2.34 -16.03
N ARG B 420 -37.61 -2.39 -14.72
CA ARG B 420 -38.68 -1.95 -13.82
C ARG B 420 -38.98 -0.47 -13.97
N LEU B 421 -38.00 0.34 -14.36
CA LEU B 421 -38.26 1.76 -14.55
C LEU B 421 -39.15 1.98 -15.77
N ALA B 422 -38.77 1.42 -16.91
CA ALA B 422 -39.51 1.66 -18.15
C ALA B 422 -40.92 1.09 -18.06
N ALA B 423 -41.08 -0.06 -17.43
CA ALA B 423 -42.39 -0.67 -17.26
C ALA B 423 -43.20 -0.02 -16.15
N GLN B 424 -42.76 1.10 -15.58
CA GLN B 424 -43.53 1.77 -14.55
C GLN B 424 -43.54 3.29 -14.70
N GLY B 425 -43.32 3.81 -15.90
CA GLY B 425 -43.59 5.21 -16.24
C GLY B 425 -42.40 5.94 -16.82
N ALA B 426 -41.19 5.55 -16.45
CA ALA B 426 -40.00 6.30 -16.82
C ALA B 426 -39.60 6.01 -18.26
N ARG B 427 -39.26 7.07 -18.99
CA ARG B 427 -38.62 6.91 -20.29
C ARG B 427 -37.15 6.62 -20.05
N VAL B 428 -36.69 5.47 -20.54
CA VAL B 428 -35.34 4.96 -20.26
C VAL B 428 -34.58 4.81 -21.56
N TYR B 429 -33.32 5.25 -21.57
CA TYR B 429 -32.40 5.01 -22.66
C TYR B 429 -31.22 4.20 -22.13
N ALA B 430 -30.73 3.26 -22.94
CA ALA B 430 -29.67 2.36 -22.52
C ALA B 430 -28.56 2.33 -23.55
N TYR B 431 -27.33 2.10 -23.07
CA TYR B 431 -26.17 2.04 -23.94
C TYR B 431 -25.22 0.98 -23.42
N VAL B 432 -24.22 0.64 -24.25
CA VAL B 432 -23.12 -0.21 -23.86
C VAL B 432 -21.86 0.38 -24.49
N PHE B 433 -20.93 0.85 -23.65
CA PHE B 433 -19.72 1.50 -24.13
C PHE B 433 -18.74 0.44 -24.61
N GLU B 434 -18.35 0.52 -25.90
CA GLU B 434 -17.57 -0.55 -26.51
C GLU B 434 -16.29 -0.06 -27.15
N HIS B 435 -15.84 1.17 -26.84
CA HIS B 435 -14.58 1.66 -27.37
C HIS B 435 -13.50 1.60 -26.29
N ARG B 436 -12.38 0.95 -26.62
CA ARG B 436 -11.22 0.92 -25.74
C ARG B 436 -10.28 2.06 -26.11
N ALA B 437 -9.90 2.86 -25.12
CA ALA B 437 -9.10 4.05 -25.39
C ALA B 437 -7.74 3.66 -25.96
N SER B 438 -7.30 4.40 -26.98
CA SER B 438 -6.01 4.13 -27.58
C SER B 438 -4.85 4.39 -26.62
N THR B 439 -5.08 5.15 -25.55
CA THR B 439 -4.05 5.47 -24.58
C THR B 439 -4.21 4.69 -23.28
N LEU B 440 -5.05 3.66 -23.28
CA LEU B 440 -5.34 2.90 -22.07
C LEU B 440 -4.12 2.12 -21.60
N SER B 441 -3.86 2.19 -20.29
CA SER B 441 -2.68 1.56 -19.72
C SER B 441 -2.91 0.15 -19.20
N TRP B 442 -4.17 -0.20 -18.86
CA TRP B 442 -4.48 -1.56 -18.49
C TRP B 442 -4.20 -2.50 -19.67
N PRO B 443 -3.98 -3.79 -19.39
CA PRO B 443 -3.61 -4.72 -20.46
C PRO B 443 -4.73 -4.90 -21.47
N LEU B 444 -4.35 -5.41 -22.64
CA LEU B 444 -5.31 -5.53 -23.74
C LEU B 444 -6.42 -6.53 -23.42
N TRP B 445 -6.12 -7.55 -22.62
CA TRP B 445 -7.12 -8.59 -22.36
C TRP B 445 -8.23 -8.13 -21.43
N MET B 446 -8.15 -6.93 -20.85
CA MET B 446 -9.27 -6.43 -20.05
C MET B 446 -10.31 -5.71 -20.89
N GLY B 447 -10.04 -5.48 -22.17
CA GLY B 447 -11.01 -4.88 -23.06
C GLY B 447 -11.33 -3.43 -22.72
N VAL B 448 -12.60 -3.16 -22.43
CA VAL B 448 -13.05 -1.84 -22.03
C VAL B 448 -13.40 -1.90 -20.55
N PRO B 449 -12.45 -1.71 -19.64
CA PRO B 449 -12.71 -1.97 -18.23
C PRO B 449 -13.69 -0.96 -17.64
N HIS B 450 -14.12 -1.28 -16.43
CA HIS B 450 -15.05 -0.44 -15.69
C HIS B 450 -14.46 0.95 -15.44
N GLY B 451 -15.20 1.97 -15.84
CA GLY B 451 -14.85 3.35 -15.55
C GLY B 451 -14.14 4.10 -16.66
N TYR B 452 -13.80 3.42 -17.75
CA TYR B 452 -13.03 4.06 -18.83
C TYR B 452 -13.92 4.55 -19.96
N GLU B 453 -15.18 4.83 -19.66
CA GLU B 453 -16.00 5.69 -20.49
C GLU B 453 -16.07 7.12 -19.97
N ILE B 454 -15.67 7.33 -18.70
CA ILE B 454 -15.79 8.64 -18.09
C ILE B 454 -14.95 9.67 -18.83
N GLU B 455 -13.74 9.29 -19.24
CA GLU B 455 -12.86 10.26 -19.87
C GLU B 455 -13.42 10.74 -21.20
N PHE B 456 -14.28 9.93 -21.83
CA PHE B 456 -14.91 10.37 -23.07
C PHE B 456 -16.16 11.21 -22.83
N ILE B 457 -16.91 10.93 -21.76
CA ILE B 457 -18.06 11.75 -21.40
C ILE B 457 -17.62 13.17 -21.05
N PHE B 458 -16.46 13.31 -20.42
CA PHE B 458 -15.95 14.61 -19.99
C PHE B 458 -15.05 15.26 -21.03
N GLY B 459 -14.95 14.69 -22.22
CA GLY B 459 -14.20 15.32 -23.31
C GLY B 459 -12.72 15.43 -23.10
N ILE B 460 -12.16 14.61 -22.21
CA ILE B 460 -10.72 14.66 -21.92
C ILE B 460 -9.88 14.44 -23.17
N PRO B 461 -10.32 13.63 -24.18
CA PRO B 461 -9.49 13.51 -25.39
C PRO B 461 -9.17 14.82 -26.09
N LEU B 462 -9.93 15.87 -25.81
CA LEU B 462 -9.69 17.18 -26.42
C LEU B 462 -8.54 17.94 -25.78
N ASP B 463 -8.07 17.50 -24.62
CA ASP B 463 -6.90 18.07 -23.97
C ASP B 463 -5.68 17.92 -24.88
N PRO B 464 -5.08 19.02 -25.35
CA PRO B 464 -3.95 18.89 -26.27
C PRO B 464 -2.74 18.20 -25.68
N SER B 465 -2.62 18.17 -24.36
CA SER B 465 -1.49 17.53 -23.71
C SER B 465 -1.57 16.01 -23.74
N ARG B 466 -2.60 15.42 -24.35
CA ARG B 466 -2.78 13.98 -24.36
C ARG B 466 -2.70 13.46 -25.79
N ASN B 467 -2.30 12.21 -25.92
CA ASN B 467 -2.03 11.59 -27.23
C ASN B 467 -3.21 10.76 -27.71
N TYR B 468 -4.40 11.37 -27.68
CA TYR B 468 -5.58 10.71 -28.23
C TYR B 468 -5.59 10.84 -29.75
N THR B 469 -6.35 9.95 -30.39
CA THR B 469 -6.48 9.96 -31.84
C THR B 469 -7.53 10.99 -32.27
N ALA B 470 -7.47 11.37 -33.55
CA ALA B 470 -8.44 12.32 -34.08
C ALA B 470 -9.85 11.77 -34.06
N GLU B 471 -10.00 10.46 -34.26
CA GLU B 471 -11.33 9.85 -34.23
C GLU B 471 -11.90 9.79 -32.81
N GLU B 472 -11.04 9.65 -31.80
CA GLU B 472 -11.51 9.71 -30.41
C GLU B 472 -11.95 11.12 -30.03
N LYS B 473 -11.32 12.15 -30.60
CA LYS B 473 -11.78 13.50 -30.39
C LYS B 473 -13.21 13.67 -30.90
N ILE B 474 -13.46 13.26 -32.14
CA ILE B 474 -14.81 13.37 -32.69
C ILE B 474 -15.77 12.47 -31.92
N PHE B 475 -15.30 11.28 -31.53
CA PHE B 475 -16.14 10.37 -30.76
C PHE B 475 -16.53 10.97 -29.41
N ALA B 476 -15.57 11.62 -28.72
CA ALA B 476 -15.88 12.24 -27.43
C ALA B 476 -16.87 13.38 -27.58
N GLN B 477 -16.73 14.17 -28.66
CA GLN B 477 -17.68 15.25 -28.91
C GLN B 477 -19.08 14.70 -29.14
N ARG B 478 -19.19 13.56 -29.83
CA ARG B 478 -20.49 12.97 -30.04
C ARG B 478 -21.12 12.52 -28.72
N LEU B 479 -20.30 11.93 -27.83
CA LEU B 479 -20.82 11.49 -26.54
C LEU B 479 -21.28 12.67 -25.70
N MET B 480 -20.48 13.75 -25.65
N MET B 480 -20.46 13.73 -25.64
CA MET B 480 -20.87 14.93 -24.91
CA MET B 480 -20.87 14.93 -24.91
C MET B 480 -22.17 15.52 -25.45
C MET B 480 -22.18 15.50 -25.44
N ARG B 481 -22.42 15.37 -26.76
CA ARG B 481 -23.68 15.84 -27.33
C ARG B 481 -24.85 14.98 -26.85
N TYR B 482 -24.67 13.66 -26.80
CA TYR B 482 -25.71 12.79 -26.25
C TYR B 482 -26.04 13.18 -24.81
N TRP B 483 -25.01 13.34 -23.98
CA TRP B 483 -25.26 13.59 -22.56
C TRP B 483 -25.92 14.94 -22.33
N ALA B 484 -25.49 15.97 -23.07
CA ALA B 484 -26.08 17.30 -22.93
C ALA B 484 -27.50 17.34 -23.47
N ASN B 485 -27.74 16.71 -24.63
CA ASN B 485 -29.09 16.62 -25.16
C ASN B 485 -30.04 15.99 -24.14
N PHE B 486 -29.61 14.88 -23.53
CA PHE B 486 -30.45 14.27 -22.50
C PHE B 486 -30.61 15.20 -21.31
N ALA B 487 -29.64 16.08 -21.09
CA ALA B 487 -29.77 17.05 -20.02
C ALA B 487 -30.81 18.10 -20.35
N ARG B 488 -30.85 18.57 -21.59
CA ARG B 488 -31.84 19.56 -22.01
C ARG B 488 -33.17 18.90 -22.34
N THR B 489 -33.17 18.02 -23.35
CA THR B 489 -34.40 17.44 -23.90
C THR B 489 -34.97 16.32 -23.03
N GLY B 490 -34.13 15.60 -22.29
CA GLY B 490 -34.53 14.31 -21.78
C GLY B 490 -34.44 13.21 -22.80
N ASP B 491 -33.81 13.47 -23.94
CA ASP B 491 -33.72 12.58 -25.08
C ASP B 491 -32.35 12.77 -25.70
N PRO B 492 -31.49 11.74 -25.70
CA PRO B 492 -30.13 11.90 -26.22
C PRO B 492 -30.07 12.21 -27.71
N ASN B 493 -31.17 12.12 -28.44
CA ASN B 493 -31.16 12.40 -29.86
C ASN B 493 -31.32 13.89 -30.13
N GLU B 494 -30.69 14.36 -31.18
CA GLU B 494 -30.78 15.76 -31.56
C GLU B 494 -32.18 16.07 -32.08
N PRO B 495 -32.88 17.06 -31.53
CA PRO B 495 -34.25 17.33 -31.97
C PRO B 495 -34.33 17.87 -33.40
N ARG B 496 -33.29 18.53 -33.90
CA ARG B 496 -33.28 19.10 -35.25
C ARG B 496 -32.57 18.21 -36.26
N ASP B 497 -32.65 16.88 -36.10
CA ASP B 497 -31.93 16.00 -37.00
C ASP B 497 -32.51 14.60 -37.04
N PRO B 498 -33.29 14.24 -38.06
CA PRO B 498 -33.59 12.84 -38.33
C PRO B 498 -32.56 12.14 -39.21
N LYS B 499 -31.51 12.85 -39.61
CA LYS B 499 -30.49 12.32 -40.50
C LYS B 499 -29.56 11.34 -39.79
N ALA B 500 -29.11 11.68 -38.59
CA ALA B 500 -28.22 10.80 -37.83
C ALA B 500 -28.97 9.56 -37.35
N PRO B 501 -28.25 8.45 -37.11
CA PRO B 501 -28.91 7.25 -36.59
C PRO B 501 -29.60 7.54 -35.27
N GLN B 502 -30.77 6.91 -35.08
CA GLN B 502 -31.63 7.23 -33.96
C GLN B 502 -31.41 6.27 -32.79
N TRP B 503 -31.60 6.80 -31.58
CA TRP B 503 -31.42 6.06 -30.34
C TRP B 503 -32.79 5.75 -29.75
N PRO B 504 -33.30 4.53 -29.91
CA PRO B 504 -34.65 4.21 -29.43
C PRO B 504 -34.66 4.02 -27.93
N PRO B 505 -35.77 4.35 -27.28
CA PRO B 505 -35.87 4.11 -25.83
C PRO B 505 -35.73 2.64 -25.49
N TYR B 506 -35.55 2.38 -24.20
CA TYR B 506 -35.41 1.03 -23.67
C TYR B 506 -36.73 0.65 -22.98
N THR B 507 -37.34 -0.43 -23.45
CA THR B 507 -38.58 -0.93 -22.90
C THR B 507 -38.35 -2.29 -22.25
N ALA B 508 -39.24 -2.65 -21.32
CA ALA B 508 -39.11 -3.92 -20.61
C ALA B 508 -39.29 -5.12 -21.54
N GLY B 509 -39.92 -4.94 -22.70
CA GLY B 509 -40.10 -6.01 -23.64
C GLY B 509 -39.07 -6.02 -24.76
N ALA B 510 -38.98 -4.92 -25.51
CA ALA B 510 -38.02 -4.88 -26.62
C ALA B 510 -36.58 -4.84 -26.11
N GLN B 511 -36.33 -4.06 -25.05
CA GLN B 511 -35.03 -4.01 -24.38
C GLN B 511 -33.93 -3.57 -25.35
N GLN B 512 -34.15 -2.42 -25.97
CA GLN B 512 -33.23 -1.90 -26.97
C GLN B 512 -32.20 -0.97 -26.34
N TYR B 513 -30.98 -1.06 -26.86
CA TYR B 513 -29.87 -0.21 -26.44
C TYR B 513 -29.00 0.03 -27.66
N VAL B 514 -28.04 0.93 -27.55
CA VAL B 514 -27.11 1.20 -28.65
C VAL B 514 -25.68 0.99 -28.17
N SER B 515 -24.83 0.59 -29.11
CA SER B 515 -23.40 0.43 -28.84
C SER B 515 -22.70 1.76 -29.12
N LEU B 516 -22.07 2.32 -28.09
CA LEU B 516 -21.31 3.57 -28.21
C LEU B 516 -19.86 3.22 -28.52
N ASP B 517 -19.43 3.52 -29.74
CA ASP B 517 -18.07 3.26 -30.18
C ASP B 517 -17.79 4.14 -31.40
N LEU B 518 -16.62 3.95 -32.02
CA LEU B 518 -16.24 4.83 -33.12
C LEU B 518 -17.16 4.69 -34.32
N ARG B 519 -17.79 3.53 -34.48
CA ARG B 519 -18.77 3.32 -35.54
C ARG B 519 -20.06 4.06 -35.21
N PRO B 520 -20.89 4.35 -36.20
CA PRO B 520 -22.20 4.96 -35.93
C PRO B 520 -23.04 4.07 -35.03
N LEU B 521 -24.10 4.67 -34.48
CA LEU B 521 -24.98 3.95 -33.57
C LEU B 521 -25.52 2.68 -34.20
N GLU B 522 -25.66 1.64 -33.38
CA GLU B 522 -26.23 0.37 -33.79
C GLU B 522 -27.18 -0.09 -32.69
N VAL B 523 -28.42 -0.40 -33.05
CA VAL B 523 -29.40 -0.82 -32.05
C VAL B 523 -29.28 -2.33 -31.84
N ARG B 524 -29.34 -2.75 -30.58
CA ARG B 524 -29.29 -4.15 -30.20
C ARG B 524 -30.35 -4.41 -29.14
N ARG B 525 -30.59 -5.68 -28.85
CA ARG B 525 -31.64 -6.06 -27.91
C ARG B 525 -31.06 -6.96 -26.85
N GLY B 526 -31.30 -6.60 -25.59
CA GLY B 526 -30.90 -7.42 -24.46
C GLY B 526 -29.60 -6.99 -23.80
N LEU B 527 -29.72 -6.44 -22.59
CA LEU B 527 -28.55 -6.16 -21.75
C LEU B 527 -28.08 -7.47 -21.11
N ARG B 528 -27.53 -8.33 -21.95
CA ARG B 528 -27.11 -9.67 -21.54
C ARG B 528 -28.28 -10.41 -20.87
N ALA B 529 -29.35 -10.57 -21.65
CA ALA B 529 -30.61 -11.03 -21.09
C ALA B 529 -30.52 -12.46 -20.58
N GLN B 530 -29.84 -13.33 -21.31
CA GLN B 530 -29.73 -14.73 -20.88
C GLN B 530 -29.00 -14.85 -19.56
N ALA B 531 -27.86 -14.18 -19.43
CA ALA B 531 -27.09 -14.29 -18.19
C ALA B 531 -27.84 -13.62 -17.04
N CYS B 532 -28.54 -12.52 -17.31
CA CYS B 532 -29.19 -11.80 -16.22
C CYS B 532 -30.46 -12.49 -15.75
N ALA B 533 -31.06 -13.33 -16.57
CA ALA B 533 -32.17 -14.14 -16.09
C ALA B 533 -31.70 -15.10 -15.01
N PHE B 534 -30.45 -15.56 -15.09
CA PHE B 534 -29.93 -16.43 -14.05
C PHE B 534 -29.81 -15.69 -12.72
N TRP B 535 -29.29 -14.46 -12.74
CA TRP B 535 -29.10 -13.71 -11.51
C TRP B 535 -30.41 -13.12 -11.00
N ASN B 536 -31.21 -12.52 -11.89
CA ASN B 536 -32.39 -11.78 -11.44
C ASN B 536 -33.58 -12.69 -11.15
N ARG B 537 -33.67 -13.85 -11.81
CA ARG B 537 -34.84 -14.69 -11.69
C ARG B 537 -34.56 -16.00 -10.96
N PHE B 538 -33.58 -16.78 -11.41
CA PHE B 538 -33.41 -18.12 -10.86
C PHE B 538 -32.68 -18.11 -9.52
N LEU B 539 -31.55 -17.41 -9.44
CA LEU B 539 -30.74 -17.44 -8.23
C LEU B 539 -31.49 -17.09 -6.96
N PRO B 540 -32.44 -16.14 -6.94
CA PRO B 540 -33.24 -15.96 -5.73
C PRO B 540 -34.06 -17.20 -5.38
N LYS B 541 -34.62 -17.88 -6.38
CA LYS B 541 -35.36 -19.11 -6.11
C LYS B 541 -34.44 -20.20 -5.55
N LEU B 542 -33.18 -20.22 -5.96
CA LEU B 542 -32.23 -21.21 -5.46
C LEU B 542 -31.86 -20.91 -4.01
N LEU B 543 -31.55 -19.65 -3.71
CA LEU B 543 -31.13 -19.27 -2.36
C LEU B 543 -32.28 -19.27 -1.36
N SER B 544 -33.54 -19.26 -1.85
CA SER B 544 -34.68 -19.28 -0.93
C SER B 544 -34.90 -20.67 -0.35
N ALA B 545 -34.64 -21.72 -1.15
CA ALA B 545 -34.72 -23.10 -0.67
C ALA B 545 -33.44 -23.55 0.03
N THR B 546 -32.44 -22.68 0.14
CA THR B 546 -31.16 -22.98 0.80
C THR B 546 -30.51 -24.24 0.23
#